data_1AKX
# 
_entry.id   1AKX 
# 
_audit_conform.dict_name       mmcif_pdbx.dic 
_audit_conform.dict_version    5.392 
_audit_conform.dict_location   http://mmcif.pdb.org/dictionaries/ascii/mmcif_pdbx.dic 
# 
loop_
_database_2.database_id 
_database_2.database_code 
_database_2.pdbx_database_accession 
_database_2.pdbx_DOI 
PDB   1AKX         pdb_00001akx 10.2210/pdb1akx/pdb 
WWPDB D_1000170944 ?            ?                   
# 
loop_
_pdbx_audit_revision_history.ordinal 
_pdbx_audit_revision_history.data_content_type 
_pdbx_audit_revision_history.major_revision 
_pdbx_audit_revision_history.minor_revision 
_pdbx_audit_revision_history.revision_date 
1 'Structure model' 1 0 1997-11-19 
2 'Structure model' 1 1 2008-03-24 
3 'Structure model' 1 2 2011-07-13 
4 'Structure model' 1 3 2022-02-16 
5 'Structure model' 1 4 2024-05-22 
# 
_pdbx_audit_revision_details.ordinal             1 
_pdbx_audit_revision_details.revision_ordinal    1 
_pdbx_audit_revision_details.data_content_type   'Structure model' 
_pdbx_audit_revision_details.provider            repository 
_pdbx_audit_revision_details.type                'Initial release' 
_pdbx_audit_revision_details.description         ? 
_pdbx_audit_revision_details.details             ? 
# 
loop_
_pdbx_audit_revision_group.ordinal 
_pdbx_audit_revision_group.revision_ordinal 
_pdbx_audit_revision_group.data_content_type 
_pdbx_audit_revision_group.group 
1 2 'Structure model' 'Version format compliance' 
2 3 'Structure model' 'Version format compliance' 
3 4 'Structure model' 'Database references'       
4 4 'Structure model' 'Derived calculations'      
5 4 'Structure model' Other                       
6 5 'Structure model' 'Data collection'           
# 
loop_
_pdbx_audit_revision_category.ordinal 
_pdbx_audit_revision_category.revision_ordinal 
_pdbx_audit_revision_category.data_content_type 
_pdbx_audit_revision_category.category 
1 4 'Structure model' database_2            
2 4 'Structure model' pdbx_database_status  
3 4 'Structure model' pdbx_struct_assembly  
4 4 'Structure model' pdbx_struct_oper_list 
5 4 'Structure model' struct_site           
6 5 'Structure model' chem_comp_atom        
7 5 'Structure model' chem_comp_bond        
# 
loop_
_pdbx_audit_revision_item.ordinal 
_pdbx_audit_revision_item.revision_ordinal 
_pdbx_audit_revision_item.data_content_type 
_pdbx_audit_revision_item.item 
1 4 'Structure model' '_database_2.pdbx_DOI'                
2 4 'Structure model' '_database_2.pdbx_database_accession' 
3 4 'Structure model' '_pdbx_database_status.process_site'  
4 4 'Structure model' '_struct_site.pdbx_auth_asym_id'      
5 4 'Structure model' '_struct_site.pdbx_auth_comp_id'      
6 4 'Structure model' '_struct_site.pdbx_auth_seq_id'       
# 
_pdbx_database_status.status_code                     REL 
_pdbx_database_status.entry_id                        1AKX 
_pdbx_database_status.recvd_initial_deposition_date   1997-05-27 
_pdbx_database_status.deposit_site                    ? 
_pdbx_database_status.process_site                    BNL 
_pdbx_database_status.status_code_sf                  ? 
_pdbx_database_status.status_code_mr                  REL 
_pdbx_database_status.SG_entry                        ? 
_pdbx_database_status.pdb_format_compatible           Y 
_pdbx_database_status.status_code_cs                  ? 
_pdbx_database_status.status_code_nmr_data            ? 
_pdbx_database_status.methods_development_category    ? 
# 
_pdbx_database_related.db_name        PDB 
_pdbx_database_related.db_id          1AJU 
_pdbx_database_related.details        'ENSEMBLE OF 20 STRUCTURES' 
_pdbx_database_related.content_type   unspecified 
# 
loop_
_audit_author.name 
_audit_author.pdbx_ordinal 
'Brodsky, A.S.'    1 
'Williamson, J.R.' 2 
# 
loop_
_citation.id 
_citation.title 
_citation.journal_abbrev 
_citation.journal_volume 
_citation.page_first 
_citation.page_last 
_citation.year 
_citation.journal_id_ASTM 
_citation.country 
_citation.journal_id_ISSN 
_citation.journal_id_CSD 
_citation.book_publisher 
_citation.pdbx_database_id_PubMed 
_citation.pdbx_database_id_DOI 
primary 'Solution structure of the HIV-2 TAR-argininamide complex.'                                                             
J.Mol.Biol.            267 624  639 1997 JMOBAK UK 0022-2836 0070 ? 9126842 10.1006/jmbi.1996.0879 
1       'Geometric Parameters in Nucleic Acids: Sugar and Phosphate Constituents'                                               
J.Am.Chem.Soc.         118 519  ?   1996 JACSAT US 0002-7863 0004 ? ?       ?                      
2       'The Structure of the Human Immunodeficiency Virus Type-1 Tar RNA Reveals Principles of RNA Recognition by Tat Protein' 
J.Mol.Biol.            253 313  ?   1995 JMOBAK UK 0022-2836 0070 ? ?       ?                      
3       'Role of RNA Structure in Arginine Recognition of Tar RNA'                                                              
Proc.Natl.Acad.Sci.USA 90  3680 ?   1993 PNASA6 US 0027-8424 0040 ? ?       ?                      
4       'Conformation of the Tar RNA-Arginine Complex by NMR Spectroscopy'                                                      
Science                257 76   ?   1992 SCIEAS US 0036-8075 0038 ? ?       ?                      
# 
loop_
_citation_author.citation_id 
_citation_author.name 
_citation_author.ordinal 
_citation_author.identifier_ORCID 
primary 'Brodsky, A.S.'    1  ? 
primary 'Williamson, J.R.' 2  ? 
1       'Gelbin, A.'       3  ? 
1       'Schneider, B.'    4  ? 
1       'Clowny, L.'       5  ? 
1       'Hsieh, S.-H.'     6  ? 
1       'Olsen, W.K.'      7  ? 
1       'Berman, H.M.'     8  ? 
2       'Aboul-Ela, F.'    9  ? 
2       'Karn, J.'         10 ? 
2       'Varani, G.'       11 ? 
3       'Puglisi, J.D.'    12 ? 
3       'Chen, L.'         13 ? 
3       'Frankel, A.D.'    14 ? 
3       'Williamson, J.R.' 15 ? 
4       'Puglisi, J.D.'    16 ? 
4       'Tan, R.'          17 ? 
4       'Calnan, B.J.'     18 ? 
4       'Frankel, A.D.'    19 ? 
4       'Williamson, J.R.' 20 ? 
# 
loop_
_entity.id 
_entity.type 
_entity.src_method 
_entity.pdbx_description 
_entity.formula_weight 
_entity.pdbx_number_of_molecules 
_entity.pdbx_ec 
_entity.pdbx_mutation 
_entity.pdbx_fragment 
_entity.details 
1 polymer     syn 'TAR RNA' 9652.761 1 ? ? ? ? 
2 non-polymer syn ARGININE  175.209  1 ? ? ? ? 
# 
_entity_name_com.entity_id   1 
_entity_name_com.name        TAR 
# 
_entity_poly.entity_id                      1 
_entity_poly.type                           polyribonucleotide 
_entity_poly.nstd_linkage                   no 
_entity_poly.nstd_monomer                   no 
_entity_poly.pdbx_seq_one_letter_code       GGCCAGAUUGAGCCUGGGAGCUCUCUGGCC 
_entity_poly.pdbx_seq_one_letter_code_can   GGCCAGAUUGAGCCUGGGAGCUCUCUGGCC 
_entity_poly.pdbx_strand_id                 A 
_entity_poly.pdbx_target_identifier         ? 
# 
_pdbx_entity_nonpoly.entity_id   2 
_pdbx_entity_nonpoly.name        ARGININE 
_pdbx_entity_nonpoly.comp_id     ARG 
# 
loop_
_entity_poly_seq.entity_id 
_entity_poly_seq.num 
_entity_poly_seq.mon_id 
_entity_poly_seq.hetero 
1 1  G n 
1 2  G n 
1 3  C n 
1 4  C n 
1 5  A n 
1 6  G n 
1 7  A n 
1 8  U n 
1 9  U n 
1 10 G n 
1 11 A n 
1 12 G n 
1 13 C n 
1 14 C n 
1 15 U n 
1 16 G n 
1 17 G n 
1 18 G n 
1 19 A n 
1 20 G n 
1 21 C n 
1 22 U n 
1 23 C n 
1 24 U n 
1 25 C n 
1 26 U n 
1 27 G n 
1 28 G n 
1 29 C n 
1 30 C n 
# 
loop_
_chem_comp.id 
_chem_comp.type 
_chem_comp.mon_nstd_flag 
_chem_comp.name 
_chem_comp.pdbx_synonyms 
_chem_comp.formula 
_chem_comp.formula_weight 
A   'RNA linking'       y "ADENOSINE-5'-MONOPHOSPHATE" ? 'C10 H14 N5 O7 P' 347.221 
ARG 'L-peptide linking' y ARGININE                     ? 'C6 H15 N4 O2 1'  175.209 
C   'RNA linking'       y "CYTIDINE-5'-MONOPHOSPHATE"  ? 'C9 H14 N3 O8 P'  323.197 
G   'RNA linking'       y "GUANOSINE-5'-MONOPHOSPHATE" ? 'C10 H14 N5 O8 P' 363.221 
U   'RNA linking'       y "URIDINE-5'-MONOPHOSPHATE"   ? 'C9 H13 N2 O9 P'  324.181 
# 
loop_
_pdbx_poly_seq_scheme.asym_id 
_pdbx_poly_seq_scheme.entity_id 
_pdbx_poly_seq_scheme.seq_id 
_pdbx_poly_seq_scheme.mon_id 
_pdbx_poly_seq_scheme.ndb_seq_num 
_pdbx_poly_seq_scheme.pdb_seq_num 
_pdbx_poly_seq_scheme.auth_seq_num 
_pdbx_poly_seq_scheme.pdb_mon_id 
_pdbx_poly_seq_scheme.auth_mon_id 
_pdbx_poly_seq_scheme.pdb_strand_id 
_pdbx_poly_seq_scheme.pdb_ins_code 
_pdbx_poly_seq_scheme.hetero 
A 1 1  G 1  16 16 G G A . n 
A 1 2  G 2  17 17 G G A . n 
A 1 3  C 3  18 18 C C A . n 
A 1 4  C 4  19 19 C C A . n 
A 1 5  A 5  20 20 A A A . n 
A 1 6  G 6  21 21 G G A . n 
A 1 7  A 7  22 22 A A A . n 
A 1 8  U 8  23 23 U U A . n 
A 1 9  U 9  25 25 U U A . n 
A 1 10 G 10 26 26 G G A . n 
A 1 11 A 11 27 27 A A A . n 
A 1 12 G 12 28 28 G G A . n 
A 1 13 C 13 29 29 C C A . n 
A 1 14 C 14 30 30 C C A . n 
A 1 15 U 15 31 31 U U A . n 
A 1 16 G 16 32 32 G G A . n 
A 1 17 G 17 33 33 G G A . n 
A 1 18 G 18 34 34 G G A . n 
A 1 19 A 19 35 35 A A A . n 
A 1 20 G 20 36 36 G G A . n 
A 1 21 C 21 37 37 C C A . n 
A 1 22 U 22 38 38 U U A . n 
A 1 23 C 23 39 39 C C A . n 
A 1 24 U 24 40 40 U U A . n 
A 1 25 C 25 41 41 C C A . n 
A 1 26 U 26 42 42 U U A . n 
A 1 27 G 27 43 43 G G A . n 
A 1 28 G 28 44 44 G G A . n 
A 1 29 C 29 45 45 C C A . n 
A 1 30 C 30 46 46 C C A . n 
# 
_pdbx_nonpoly_scheme.asym_id         B 
_pdbx_nonpoly_scheme.entity_id       2 
_pdbx_nonpoly_scheme.mon_id          ARG 
_pdbx_nonpoly_scheme.ndb_seq_num     1 
_pdbx_nonpoly_scheme.pdb_seq_num     47 
_pdbx_nonpoly_scheme.auth_seq_num    47 
_pdbx_nonpoly_scheme.pdb_mon_id      ARG 
_pdbx_nonpoly_scheme.auth_mon_id     ARG 
_pdbx_nonpoly_scheme.pdb_strand_id   A 
_pdbx_nonpoly_scheme.pdb_ins_code    . 
# 
_pdbx_unobs_or_zero_occ_atoms.id               1 
_pdbx_unobs_or_zero_occ_atoms.PDB_model_num    1 
_pdbx_unobs_or_zero_occ_atoms.polymer_flag     N 
_pdbx_unobs_or_zero_occ_atoms.occupancy_flag   1 
_pdbx_unobs_or_zero_occ_atoms.auth_asym_id     A 
_pdbx_unobs_or_zero_occ_atoms.auth_comp_id     ARG 
_pdbx_unobs_or_zero_occ_atoms.auth_seq_id      47 
_pdbx_unobs_or_zero_occ_atoms.PDB_ins_code     ? 
_pdbx_unobs_or_zero_occ_atoms.auth_atom_id     OXT 
_pdbx_unobs_or_zero_occ_atoms.label_alt_id     ? 
_pdbx_unobs_or_zero_occ_atoms.label_asym_id    B 
_pdbx_unobs_or_zero_occ_atoms.label_comp_id    ARG 
_pdbx_unobs_or_zero_occ_atoms.label_seq_id     1 
_pdbx_unobs_or_zero_occ_atoms.label_atom_id    OXT 
# 
loop_
_software.name 
_software.classification 
_software.version 
_software.citation_id 
_software.pdbx_ordinal 
X-PLOR 'model building' 3.1 ? 1 
X-PLOR refinement       3.1 ? 2 
X-PLOR phasing          3.1 ? 3 
# 
_cell.entry_id           1AKX 
_cell.length_a           1.000 
_cell.length_b           1.000 
_cell.length_c           1.000 
_cell.angle_alpha        90.00 
_cell.angle_beta         90.00 
_cell.angle_gamma        90.00 
_cell.Z_PDB              1 
_cell.pdbx_unique_axis   ? 
# 
_symmetry.entry_id                         1AKX 
_symmetry.space_group_name_H-M             'P 1' 
_symmetry.pdbx_full_space_group_name_H-M   ? 
_symmetry.cell_setting                     ? 
_symmetry.Int_Tables_number                1 
# 
_exptl.entry_id          1AKX 
_exptl.method            'SOLUTION NMR' 
_exptl.crystals_number   ? 
# 
_struct.entry_id                  1AKX 
_struct.title                     'HIV-2 TRANS ACTIVATING REGION RNA COMPLEX WITH ARGININAMIDE, NMR, MINIMIZED AVERAGE STRUCTURE' 
_struct.pdbx_model_details        ? 
_struct.pdbx_CASP_flag            ? 
_struct.pdbx_model_type_details   ? 
# 
_struct_keywords.entry_id        1AKX 
_struct_keywords.pdbx_keywords   RNA 
_struct_keywords.text            'TRANSCRIPTIONAL ACTIVATION, COMPLEX (RNA-LIGAND), PROTEIN-RNA INTERACTIONS, RNA' 
# 
loop_
_struct_asym.id 
_struct_asym.pdbx_blank_PDB_chainid_flag 
_struct_asym.pdbx_modified 
_struct_asym.entity_id 
_struct_asym.details 
A N N 1 ? 
B N N 2 ? 
# 
_struct_ref.id                         1 
_struct_ref.entity_id                  1 
_struct_ref.db_name                    PDB 
_struct_ref.db_code                    1AKX 
_struct_ref.pdbx_db_accession          1AKX 
_struct_ref.pdbx_db_isoform            ? 
_struct_ref.pdbx_seq_one_letter_code   ? 
_struct_ref.pdbx_align_begin           ? 
# 
_struct_ref_seq.align_id                      1 
_struct_ref_seq.ref_id                        1 
_struct_ref_seq.pdbx_PDB_id_code              1AKX 
_struct_ref_seq.pdbx_strand_id                A 
_struct_ref_seq.seq_align_beg                 1 
_struct_ref_seq.pdbx_seq_align_beg_ins_code   ? 
_struct_ref_seq.seq_align_end                 30 
_struct_ref_seq.pdbx_seq_align_end_ins_code   ? 
_struct_ref_seq.pdbx_db_accession             1AKX 
_struct_ref_seq.db_align_beg                  16 
_struct_ref_seq.pdbx_db_align_beg_ins_code    ? 
_struct_ref_seq.db_align_end                  46 
_struct_ref_seq.pdbx_db_align_end_ins_code    ? 
_struct_ref_seq.pdbx_auth_seq_align_beg       16 
_struct_ref_seq.pdbx_auth_seq_align_end       46 
# 
_pdbx_struct_assembly.id                   1 
_pdbx_struct_assembly.details              author_defined_assembly 
_pdbx_struct_assembly.method_details       ? 
_pdbx_struct_assembly.oligomeric_details   monomeric 
_pdbx_struct_assembly.oligomeric_count     1 
# 
_pdbx_struct_assembly_gen.assembly_id       1 
_pdbx_struct_assembly_gen.oper_expression   1 
_pdbx_struct_assembly_gen.asym_id_list      A,B 
# 
_pdbx_struct_oper_list.id                   1 
_pdbx_struct_oper_list.type                 'identity operation' 
_pdbx_struct_oper_list.name                 1_555 
_pdbx_struct_oper_list.symmetry_operation   x,y,z 
_pdbx_struct_oper_list.matrix[1][1]         1.0000000000 
_pdbx_struct_oper_list.matrix[1][2]         0.0000000000 
_pdbx_struct_oper_list.matrix[1][3]         0.0000000000 
_pdbx_struct_oper_list.vector[1]            0.0000000000 
_pdbx_struct_oper_list.matrix[2][1]         0.0000000000 
_pdbx_struct_oper_list.matrix[2][2]         1.0000000000 
_pdbx_struct_oper_list.matrix[2][3]         0.0000000000 
_pdbx_struct_oper_list.vector[2]            0.0000000000 
_pdbx_struct_oper_list.matrix[3][1]         0.0000000000 
_pdbx_struct_oper_list.matrix[3][2]         0.0000000000 
_pdbx_struct_oper_list.matrix[3][3]         1.0000000000 
_pdbx_struct_oper_list.vector[3]            0.0000000000 
# 
_struct_biol.id   1 
# 
loop_
_struct_conn.id 
_struct_conn.conn_type_id 
_struct_conn.pdbx_leaving_atom_flag 
_struct_conn.pdbx_PDB_id 
_struct_conn.ptnr1_label_asym_id 
_struct_conn.ptnr1_label_comp_id 
_struct_conn.ptnr1_label_seq_id 
_struct_conn.ptnr1_label_atom_id 
_struct_conn.pdbx_ptnr1_label_alt_id 
_struct_conn.pdbx_ptnr1_PDB_ins_code 
_struct_conn.pdbx_ptnr1_standard_comp_id 
_struct_conn.ptnr1_symmetry 
_struct_conn.ptnr2_label_asym_id 
_struct_conn.ptnr2_label_comp_id 
_struct_conn.ptnr2_label_seq_id 
_struct_conn.ptnr2_label_atom_id 
_struct_conn.pdbx_ptnr2_label_alt_id 
_struct_conn.pdbx_ptnr2_PDB_ins_code 
_struct_conn.ptnr1_auth_asym_id 
_struct_conn.ptnr1_auth_comp_id 
_struct_conn.ptnr1_auth_seq_id 
_struct_conn.ptnr2_auth_asym_id 
_struct_conn.ptnr2_auth_comp_id 
_struct_conn.ptnr2_auth_seq_id 
_struct_conn.ptnr2_symmetry 
_struct_conn.pdbx_ptnr3_label_atom_id 
_struct_conn.pdbx_ptnr3_label_seq_id 
_struct_conn.pdbx_ptnr3_label_comp_id 
_struct_conn.pdbx_ptnr3_label_asym_id 
_struct_conn.pdbx_ptnr3_label_alt_id 
_struct_conn.pdbx_ptnr3_PDB_ins_code 
_struct_conn.details 
_struct_conn.pdbx_dist_value 
_struct_conn.pdbx_value_order 
_struct_conn.pdbx_role 
hydrog1  hydrog ? ? A G 1  N1 ? ? ? 1_555 A C 30 N3 ? ? A G 16 A C 46 1_555 ? ? ? ? ? ? WATSON-CRICK  ? ? ? 
hydrog2  hydrog ? ? A G 1  N2 ? ? ? 1_555 A C 30 O2 ? ? A G 16 A C 46 1_555 ? ? ? ? ? ? WATSON-CRICK  ? ? ? 
hydrog3  hydrog ? ? A G 1  O6 ? ? ? 1_555 A C 30 N4 ? ? A G 16 A C 46 1_555 ? ? ? ? ? ? WATSON-CRICK  ? ? ? 
hydrog4  hydrog ? ? A G 2  N1 ? ? ? 1_555 A C 29 N3 ? ? A G 17 A C 45 1_555 ? ? ? ? ? ? WATSON-CRICK  ? ? ? 
hydrog5  hydrog ? ? A G 2  N2 ? ? ? 1_555 A C 29 O2 ? ? A G 17 A C 45 1_555 ? ? ? ? ? ? WATSON-CRICK  ? ? ? 
hydrog6  hydrog ? ? A G 2  O6 ? ? ? 1_555 A C 29 N4 ? ? A G 17 A C 45 1_555 ? ? ? ? ? ? WATSON-CRICK  ? ? ? 
hydrog7  hydrog ? ? A C 3  N3 ? ? ? 1_555 A G 28 N1 ? ? A C 18 A G 44 1_555 ? ? ? ? ? ? WATSON-CRICK  ? ? ? 
hydrog8  hydrog ? ? A C 3  N4 ? ? ? 1_555 A G 28 O6 ? ? A C 18 A G 44 1_555 ? ? ? ? ? ? WATSON-CRICK  ? ? ? 
hydrog9  hydrog ? ? A C 3  O2 ? ? ? 1_555 A G 28 N2 ? ? A C 18 A G 44 1_555 ? ? ? ? ? ? WATSON-CRICK  ? ? ? 
hydrog10 hydrog ? ? A C 4  N3 ? ? ? 1_555 A G 27 N1 ? ? A C 19 A G 43 1_555 ? ? ? ? ? ? WATSON-CRICK  ? ? ? 
hydrog11 hydrog ? ? A C 4  N4 ? ? ? 1_555 A G 27 O6 ? ? A C 19 A G 43 1_555 ? ? ? ? ? ? WATSON-CRICK  ? ? ? 
hydrog12 hydrog ? ? A C 4  O2 ? ? ? 1_555 A G 27 N2 ? ? A C 19 A G 43 1_555 ? ? ? ? ? ? WATSON-CRICK  ? ? ? 
hydrog13 hydrog ? ? A A 5  N1 ? ? ? 1_555 A U 26 N3 ? ? A A 20 A U 42 1_555 ? ? ? ? ? ? WATSON-CRICK  ? ? ? 
hydrog14 hydrog ? ? A A 5  N6 ? ? ? 1_555 A U 26 O4 ? ? A A 20 A U 42 1_555 ? ? ? ? ? ? WATSON-CRICK  ? ? ? 
hydrog15 hydrog ? ? A G 6  N1 ? ? ? 1_555 A C 25 N3 ? ? A G 21 A C 41 1_555 ? ? ? ? ? ? WATSON-CRICK  ? ? ? 
hydrog16 hydrog ? ? A G 6  N2 ? ? ? 1_555 A C 25 O2 ? ? A G 21 A C 41 1_555 ? ? ? ? ? ? WATSON-CRICK  ? ? ? 
hydrog17 hydrog ? ? A G 6  O6 ? ? ? 1_555 A C 25 N4 ? ? A G 21 A C 41 1_555 ? ? ? ? ? ? WATSON-CRICK  ? ? ? 
hydrog18 hydrog ? ? A A 7  N1 ? ? ? 1_555 A C 23 N4 ? ? A A 22 A C 39 1_555 ? ? ? ? ? ? 'A-C MISPAIR' ? ? ? 
hydrog19 hydrog ? ? A A 7  N1 ? ? ? 1_555 A U 24 N3 ? ? A A 22 A U 40 1_555 ? ? ? ? ? ? WATSON-CRICK  ? ? ? 
hydrog20 hydrog ? ? A A 7  N6 ? ? ? 1_555 A U 24 O4 ? ? A A 22 A U 40 1_555 ? ? ? ? ? ? WATSON-CRICK  ? ? ? 
hydrog21 hydrog ? ? A G 10 N1 ? ? ? 1_555 A C 23 N3 ? ? A G 26 A C 39 1_555 ? ? ? ? ? ? WATSON-CRICK  ? ? ? 
hydrog22 hydrog ? ? A G 10 N2 ? ? ? 1_555 A C 23 O2 ? ? A G 26 A C 39 1_555 ? ? ? ? ? ? WATSON-CRICK  ? ? ? 
hydrog23 hydrog ? ? A G 10 O6 ? ? ? 1_555 A C 23 N4 ? ? A G 26 A C 39 1_555 ? ? ? ? ? ? WATSON-CRICK  ? ? ? 
hydrog24 hydrog ? ? A A 11 N1 ? ? ? 1_555 A U 22 N3 ? ? A A 27 A U 38 1_555 ? ? ? ? ? ? WATSON-CRICK  ? ? ? 
hydrog25 hydrog ? ? A A 11 N6 ? ? ? 1_555 A U 22 O4 ? ? A A 27 A U 38 1_555 ? ? ? ? ? ? WATSON-CRICK  ? ? ? 
hydrog26 hydrog ? ? A G 12 N1 ? ? ? 1_555 A C 21 N3 ? ? A G 28 A C 37 1_555 ? ? ? ? ? ? WATSON-CRICK  ? ? ? 
hydrog27 hydrog ? ? A G 12 N2 ? ? ? 1_555 A C 21 O2 ? ? A G 28 A C 37 1_555 ? ? ? ? ? ? WATSON-CRICK  ? ? ? 
hydrog28 hydrog ? ? A G 12 O6 ? ? ? 1_555 A C 21 N4 ? ? A G 28 A C 37 1_555 ? ? ? ? ? ? WATSON-CRICK  ? ? ? 
hydrog29 hydrog ? ? A C 13 N3 ? ? ? 1_555 A G 20 N1 ? ? A C 29 A G 36 1_555 ? ? ? ? ? ? WATSON-CRICK  ? ? ? 
hydrog30 hydrog ? ? A C 13 N4 ? ? ? 1_555 A G 20 O6 ? ? A C 29 A G 36 1_555 ? ? ? ? ? ? WATSON-CRICK  ? ? ? 
hydrog31 hydrog ? ? A C 13 O2 ? ? ? 1_555 A G 20 N2 ? ? A C 29 A G 36 1_555 ? ? ? ? ? ? WATSON-CRICK  ? ? ? 
hydrog32 hydrog ? ? A G 16 N2 ? ? ? 1_555 A G 17 O6 ? ? A G 32 A G 33 1_555 ? ? ? ? ? ? 'G-G MISPAIR' ? ? ? 
# 
_struct_conn_type.id          hydrog 
_struct_conn_type.criteria    ? 
_struct_conn_type.reference   ? 
# 
_struct_site.id                   AC1 
_struct_site.pdbx_evidence_code   Software 
_struct_site.pdbx_auth_asym_id    A 
_struct_site.pdbx_auth_comp_id    ARG 
_struct_site.pdbx_auth_seq_id     47 
_struct_site.pdbx_auth_ins_code   ? 
_struct_site.pdbx_num_residues    4 
_struct_site.details              'BINDING SITE FOR RESIDUE ARG A 47' 
# 
loop_
_struct_site_gen.id 
_struct_site_gen.site_id 
_struct_site_gen.pdbx_num_res 
_struct_site_gen.label_comp_id 
_struct_site_gen.label_asym_id 
_struct_site_gen.label_seq_id 
_struct_site_gen.pdbx_auth_ins_code 
_struct_site_gen.auth_comp_id 
_struct_site_gen.auth_asym_id 
_struct_site_gen.auth_seq_id 
_struct_site_gen.label_atom_id 
_struct_site_gen.label_alt_id 
_struct_site_gen.symmetry 
_struct_site_gen.details 
1 AC1 4 A A 7  ? A A 22 . ? 1_555 ? 
2 AC1 4 U A 8  ? U A 23 . ? 1_555 ? 
3 AC1 4 G A 10 ? G A 26 . ? 1_555 ? 
4 AC1 4 C A 21 ? C A 37 . ? 1_555 ? 
# 
_pdbx_validate_planes.id              1 
_pdbx_validate_planes.PDB_model_num   1 
_pdbx_validate_planes.auth_comp_id    ARG 
_pdbx_validate_planes.auth_asym_id    A 
_pdbx_validate_planes.auth_seq_id     47 
_pdbx_validate_planes.PDB_ins_code    ? 
_pdbx_validate_planes.label_alt_id    ? 
_pdbx_validate_planes.rmsd            0.209 
_pdbx_validate_planes.type            'SIDE CHAIN' 
# 
_pdbx_nmr_ensemble.entry_id                             1AKX 
_pdbx_nmr_ensemble.conformers_calculated_total_number   20 
_pdbx_nmr_ensemble.conformers_submitted_total_number    1 
_pdbx_nmr_ensemble.conformer_selection_criteria         'LEAST RESTRAINTS AND LOWEST ENERGY' 
# 
_pdbx_nmr_exptl_sample_conditions.conditions_id       1 
_pdbx_nmr_exptl_sample_conditions.temperature         298 
_pdbx_nmr_exptl_sample_conditions.pressure            ? 
_pdbx_nmr_exptl_sample_conditions.pH                  6.4 
_pdbx_nmr_exptl_sample_conditions.ionic_strength      ? 
_pdbx_nmr_exptl_sample_conditions.pressure_units      ? 
_pdbx_nmr_exptl_sample_conditions.temperature_units   K 
# 
_pdbx_nmr_exptl.experiment_id   1 
_pdbx_nmr_exptl.conditions_id   1 
_pdbx_nmr_exptl.type            'SEE PAPER' 
_pdbx_nmr_exptl.solution_id     1 
# 
_pdbx_nmr_refine.entry_id           1AKX 
_pdbx_nmr_refine.method             'RANDOM COORDINATES AND SIMULATED ANNEALING' 
_pdbx_nmr_refine.details            ? 
_pdbx_nmr_refine.software_ordinal   1 
# 
loop_
_pdbx_nmr_software.classification 
_pdbx_nmr_software.name 
_pdbx_nmr_software.version 
_pdbx_nmr_software.authors 
_pdbx_nmr_software.ordinal 
refinement           X-PLOR 3.1 BRUNGER 1 
'structure solution' X-PLOR 3.1 ?       2 
# 
loop_
_chem_comp_atom.comp_id 
_chem_comp_atom.atom_id 
_chem_comp_atom.type_symbol 
_chem_comp_atom.pdbx_aromatic_flag 
_chem_comp_atom.pdbx_stereo_config 
_chem_comp_atom.pdbx_ordinal 
A   OP3    O N N 1   
A   P      P N N 2   
A   OP1    O N N 3   
A   OP2    O N N 4   
A   "O5'"  O N N 5   
A   "C5'"  C N N 6   
A   "C4'"  C N R 7   
A   "O4'"  O N N 8   
A   "C3'"  C N S 9   
A   "O3'"  O N N 10  
A   "C2'"  C N R 11  
A   "O2'"  O N N 12  
A   "C1'"  C N R 13  
A   N9     N Y N 14  
A   C8     C Y N 15  
A   N7     N Y N 16  
A   C5     C Y N 17  
A   C6     C Y N 18  
A   N6     N N N 19  
A   N1     N Y N 20  
A   C2     C Y N 21  
A   N3     N Y N 22  
A   C4     C Y N 23  
A   HOP3   H N N 24  
A   HOP2   H N N 25  
A   "H5'"  H N N 26  
A   "H5''" H N N 27  
A   "H4'"  H N N 28  
A   "H3'"  H N N 29  
A   "HO3'" H N N 30  
A   "H2'"  H N N 31  
A   "HO2'" H N N 32  
A   "H1'"  H N N 33  
A   H8     H N N 34  
A   H61    H N N 35  
A   H62    H N N 36  
A   H2     H N N 37  
ARG N      N N N 38  
ARG CA     C N S 39  
ARG C      C N N 40  
ARG O      O N N 41  
ARG CB     C N N 42  
ARG CG     C N N 43  
ARG CD     C N N 44  
ARG NE     N N N 45  
ARG CZ     C N N 46  
ARG NH1    N N N 47  
ARG NH2    N N N 48  
ARG OXT    O N N 49  
ARG H      H N N 50  
ARG H2     H N N 51  
ARG HA     H N N 52  
ARG HB2    H N N 53  
ARG HB3    H N N 54  
ARG HG2    H N N 55  
ARG HG3    H N N 56  
ARG HD2    H N N 57  
ARG HD3    H N N 58  
ARG HE     H N N 59  
ARG HH11   H N N 60  
ARG HH12   H N N 61  
ARG HH21   H N N 62  
ARG HH22   H N N 63  
ARG HXT    H N N 64  
C   OP3    O N N 65  
C   P      P N N 66  
C   OP1    O N N 67  
C   OP2    O N N 68  
C   "O5'"  O N N 69  
C   "C5'"  C N N 70  
C   "C4'"  C N R 71  
C   "O4'"  O N N 72  
C   "C3'"  C N S 73  
C   "O3'"  O N N 74  
C   "C2'"  C N R 75  
C   "O2'"  O N N 76  
C   "C1'"  C N R 77  
C   N1     N N N 78  
C   C2     C N N 79  
C   O2     O N N 80  
C   N3     N N N 81  
C   C4     C N N 82  
C   N4     N N N 83  
C   C5     C N N 84  
C   C6     C N N 85  
C   HOP3   H N N 86  
C   HOP2   H N N 87  
C   "H5'"  H N N 88  
C   "H5''" H N N 89  
C   "H4'"  H N N 90  
C   "H3'"  H N N 91  
C   "HO3'" H N N 92  
C   "H2'"  H N N 93  
C   "HO2'" H N N 94  
C   "H1'"  H N N 95  
C   H41    H N N 96  
C   H42    H N N 97  
C   H5     H N N 98  
C   H6     H N N 99  
G   OP3    O N N 100 
G   P      P N N 101 
G   OP1    O N N 102 
G   OP2    O N N 103 
G   "O5'"  O N N 104 
G   "C5'"  C N N 105 
G   "C4'"  C N R 106 
G   "O4'"  O N N 107 
G   "C3'"  C N S 108 
G   "O3'"  O N N 109 
G   "C2'"  C N R 110 
G   "O2'"  O N N 111 
G   "C1'"  C N R 112 
G   N9     N Y N 113 
G   C8     C Y N 114 
G   N7     N Y N 115 
G   C5     C Y N 116 
G   C6     C N N 117 
G   O6     O N N 118 
G   N1     N N N 119 
G   C2     C N N 120 
G   N2     N N N 121 
G   N3     N N N 122 
G   C4     C Y N 123 
G   HOP3   H N N 124 
G   HOP2   H N N 125 
G   "H5'"  H N N 126 
G   "H5''" H N N 127 
G   "H4'"  H N N 128 
G   "H3'"  H N N 129 
G   "HO3'" H N N 130 
G   "H2'"  H N N 131 
G   "HO2'" H N N 132 
G   "H1'"  H N N 133 
G   H8     H N N 134 
G   H1     H N N 135 
G   H21    H N N 136 
G   H22    H N N 137 
U   OP3    O N N 138 
U   P      P N N 139 
U   OP1    O N N 140 
U   OP2    O N N 141 
U   "O5'"  O N N 142 
U   "C5'"  C N N 143 
U   "C4'"  C N R 144 
U   "O4'"  O N N 145 
U   "C3'"  C N S 146 
U   "O3'"  O N N 147 
U   "C2'"  C N R 148 
U   "O2'"  O N N 149 
U   "C1'"  C N R 150 
U   N1     N N N 151 
U   C2     C N N 152 
U   O2     O N N 153 
U   N3     N N N 154 
U   C4     C N N 155 
U   O4     O N N 156 
U   C5     C N N 157 
U   C6     C N N 158 
U   HOP3   H N N 159 
U   HOP2   H N N 160 
U   "H5'"  H N N 161 
U   "H5''" H N N 162 
U   "H4'"  H N N 163 
U   "H3'"  H N N 164 
U   "HO3'" H N N 165 
U   "H2'"  H N N 166 
U   "HO2'" H N N 167 
U   "H1'"  H N N 168 
U   H3     H N N 169 
U   H5     H N N 170 
U   H6     H N N 171 
# 
loop_
_chem_comp_bond.comp_id 
_chem_comp_bond.atom_id_1 
_chem_comp_bond.atom_id_2 
_chem_comp_bond.value_order 
_chem_comp_bond.pdbx_aromatic_flag 
_chem_comp_bond.pdbx_stereo_config 
_chem_comp_bond.pdbx_ordinal 
A   OP3   P      sing N N 1   
A   OP3   HOP3   sing N N 2   
A   P     OP1    doub N N 3   
A   P     OP2    sing N N 4   
A   P     "O5'"  sing N N 5   
A   OP2   HOP2   sing N N 6   
A   "O5'" "C5'"  sing N N 7   
A   "C5'" "C4'"  sing N N 8   
A   "C5'" "H5'"  sing N N 9   
A   "C5'" "H5''" sing N N 10  
A   "C4'" "O4'"  sing N N 11  
A   "C4'" "C3'"  sing N N 12  
A   "C4'" "H4'"  sing N N 13  
A   "O4'" "C1'"  sing N N 14  
A   "C3'" "O3'"  sing N N 15  
A   "C3'" "C2'"  sing N N 16  
A   "C3'" "H3'"  sing N N 17  
A   "O3'" "HO3'" sing N N 18  
A   "C2'" "O2'"  sing N N 19  
A   "C2'" "C1'"  sing N N 20  
A   "C2'" "H2'"  sing N N 21  
A   "O2'" "HO2'" sing N N 22  
A   "C1'" N9     sing N N 23  
A   "C1'" "H1'"  sing N N 24  
A   N9    C8     sing Y N 25  
A   N9    C4     sing Y N 26  
A   C8    N7     doub Y N 27  
A   C8    H8     sing N N 28  
A   N7    C5     sing Y N 29  
A   C5    C6     sing Y N 30  
A   C5    C4     doub Y N 31  
A   C6    N6     sing N N 32  
A   C6    N1     doub Y N 33  
A   N6    H61    sing N N 34  
A   N6    H62    sing N N 35  
A   N1    C2     sing Y N 36  
A   C2    N3     doub Y N 37  
A   C2    H2     sing N N 38  
A   N3    C4     sing Y N 39  
ARG N     CA     sing N N 40  
ARG N     H      sing N N 41  
ARG N     H2     sing N N 42  
ARG CA    C      sing N N 43  
ARG CA    CB     sing N N 44  
ARG CA    HA     sing N N 45  
ARG C     O      doub N N 46  
ARG C     OXT    sing N N 47  
ARG CB    CG     sing N N 48  
ARG CB    HB2    sing N N 49  
ARG CB    HB3    sing N N 50  
ARG CG    CD     sing N N 51  
ARG CG    HG2    sing N N 52  
ARG CG    HG3    sing N N 53  
ARG CD    NE     sing N N 54  
ARG CD    HD2    sing N N 55  
ARG CD    HD3    sing N N 56  
ARG NE    CZ     sing N N 57  
ARG NE    HE     sing N N 58  
ARG CZ    NH1    sing N N 59  
ARG CZ    NH2    doub N N 60  
ARG NH1   HH11   sing N N 61  
ARG NH1   HH12   sing N N 62  
ARG NH2   HH21   sing N N 63  
ARG NH2   HH22   sing N N 64  
ARG OXT   HXT    sing N N 65  
C   OP3   P      sing N N 66  
C   OP3   HOP3   sing N N 67  
C   P     OP1    doub N N 68  
C   P     OP2    sing N N 69  
C   P     "O5'"  sing N N 70  
C   OP2   HOP2   sing N N 71  
C   "O5'" "C5'"  sing N N 72  
C   "C5'" "C4'"  sing N N 73  
C   "C5'" "H5'"  sing N N 74  
C   "C5'" "H5''" sing N N 75  
C   "C4'" "O4'"  sing N N 76  
C   "C4'" "C3'"  sing N N 77  
C   "C4'" "H4'"  sing N N 78  
C   "O4'" "C1'"  sing N N 79  
C   "C3'" "O3'"  sing N N 80  
C   "C3'" "C2'"  sing N N 81  
C   "C3'" "H3'"  sing N N 82  
C   "O3'" "HO3'" sing N N 83  
C   "C2'" "O2'"  sing N N 84  
C   "C2'" "C1'"  sing N N 85  
C   "C2'" "H2'"  sing N N 86  
C   "O2'" "HO2'" sing N N 87  
C   "C1'" N1     sing N N 88  
C   "C1'" "H1'"  sing N N 89  
C   N1    C2     sing N N 90  
C   N1    C6     sing N N 91  
C   C2    O2     doub N N 92  
C   C2    N3     sing N N 93  
C   N3    C4     doub N N 94  
C   C4    N4     sing N N 95  
C   C4    C5     sing N N 96  
C   N4    H41    sing N N 97  
C   N4    H42    sing N N 98  
C   C5    C6     doub N N 99  
C   C5    H5     sing N N 100 
C   C6    H6     sing N N 101 
G   OP3   P      sing N N 102 
G   OP3   HOP3   sing N N 103 
G   P     OP1    doub N N 104 
G   P     OP2    sing N N 105 
G   P     "O5'"  sing N N 106 
G   OP2   HOP2   sing N N 107 
G   "O5'" "C5'"  sing N N 108 
G   "C5'" "C4'"  sing N N 109 
G   "C5'" "H5'"  sing N N 110 
G   "C5'" "H5''" sing N N 111 
G   "C4'" "O4'"  sing N N 112 
G   "C4'" "C3'"  sing N N 113 
G   "C4'" "H4'"  sing N N 114 
G   "O4'" "C1'"  sing N N 115 
G   "C3'" "O3'"  sing N N 116 
G   "C3'" "C2'"  sing N N 117 
G   "C3'" "H3'"  sing N N 118 
G   "O3'" "HO3'" sing N N 119 
G   "C2'" "O2'"  sing N N 120 
G   "C2'" "C1'"  sing N N 121 
G   "C2'" "H2'"  sing N N 122 
G   "O2'" "HO2'" sing N N 123 
G   "C1'" N9     sing N N 124 
G   "C1'" "H1'"  sing N N 125 
G   N9    C8     sing Y N 126 
G   N9    C4     sing Y N 127 
G   C8    N7     doub Y N 128 
G   C8    H8     sing N N 129 
G   N7    C5     sing Y N 130 
G   C5    C6     sing N N 131 
G   C5    C4     doub Y N 132 
G   C6    O6     doub N N 133 
G   C6    N1     sing N N 134 
G   N1    C2     sing N N 135 
G   N1    H1     sing N N 136 
G   C2    N2     sing N N 137 
G   C2    N3     doub N N 138 
G   N2    H21    sing N N 139 
G   N2    H22    sing N N 140 
G   N3    C4     sing N N 141 
U   OP3   P      sing N N 142 
U   OP3   HOP3   sing N N 143 
U   P     OP1    doub N N 144 
U   P     OP2    sing N N 145 
U   P     "O5'"  sing N N 146 
U   OP2   HOP2   sing N N 147 
U   "O5'" "C5'"  sing N N 148 
U   "C5'" "C4'"  sing N N 149 
U   "C5'" "H5'"  sing N N 150 
U   "C5'" "H5''" sing N N 151 
U   "C4'" "O4'"  sing N N 152 
U   "C4'" "C3'"  sing N N 153 
U   "C4'" "H4'"  sing N N 154 
U   "O4'" "C1'"  sing N N 155 
U   "C3'" "O3'"  sing N N 156 
U   "C3'" "C2'"  sing N N 157 
U   "C3'" "H3'"  sing N N 158 
U   "O3'" "HO3'" sing N N 159 
U   "C2'" "O2'"  sing N N 160 
U   "C2'" "C1'"  sing N N 161 
U   "C2'" "H2'"  sing N N 162 
U   "O2'" "HO2'" sing N N 163 
U   "C1'" N1     sing N N 164 
U   "C1'" "H1'"  sing N N 165 
U   N1    C2     sing N N 166 
U   N1    C6     sing N N 167 
U   C2    O2     doub N N 168 
U   C2    N3     sing N N 169 
U   N3    C4     sing N N 170 
U   N3    H3     sing N N 171 
U   C4    O4     doub N N 172 
U   C4    C5     sing N N 173 
U   C5    C6     doub N N 174 
U   C5    H5     sing N N 175 
U   C6    H6     sing N N 176 
# 
loop_
_ndb_struct_conf_na.entry_id 
_ndb_struct_conf_na.feature 
1AKX 'double helix'         
1AKX 'a-form double helix'  
1AKX 'mismatched base pair' 
1AKX 'internal loop'        
# 
loop_
_ndb_struct_na_base_pair.model_number 
_ndb_struct_na_base_pair.i_label_asym_id 
_ndb_struct_na_base_pair.i_label_comp_id 
_ndb_struct_na_base_pair.i_label_seq_id 
_ndb_struct_na_base_pair.i_symmetry 
_ndb_struct_na_base_pair.j_label_asym_id 
_ndb_struct_na_base_pair.j_label_comp_id 
_ndb_struct_na_base_pair.j_label_seq_id 
_ndb_struct_na_base_pair.j_symmetry 
_ndb_struct_na_base_pair.shear 
_ndb_struct_na_base_pair.stretch 
_ndb_struct_na_base_pair.stagger 
_ndb_struct_na_base_pair.buckle 
_ndb_struct_na_base_pair.propeller 
_ndb_struct_na_base_pair.opening 
_ndb_struct_na_base_pair.pair_number 
_ndb_struct_na_base_pair.pair_name 
_ndb_struct_na_base_pair.i_auth_asym_id 
_ndb_struct_na_base_pair.i_auth_seq_id 
_ndb_struct_na_base_pair.i_PDB_ins_code 
_ndb_struct_na_base_pair.j_auth_asym_id 
_ndb_struct_na_base_pair.j_auth_seq_id 
_ndb_struct_na_base_pair.j_PDB_ins_code 
_ndb_struct_na_base_pair.hbond_type_28 
_ndb_struct_na_base_pair.hbond_type_12 
1 A G 1  1_555 A C 30 1_555 -0.968 -0.155 -0.500 -27.968 -19.553 2.084   1  A_G16:C46_A A 16 ? A 46 ? 19 1 
1 A G 2  1_555 A C 29 1_555 -0.109 -0.095 0.306  -10.747 -13.020 1.532   2  A_G17:C45_A A 17 ? A 45 ? 19 1 
1 A C 3  1_555 A G 28 1_555 -0.393 -0.073 0.357  -0.040  -14.641 -0.764  3  A_C18:G44_A A 18 ? A 44 ? 19 1 
1 A C 4  1_555 A G 27 1_555 -0.389 -0.084 0.494  2.523   -16.093 -1.218  4  A_C19:G43_A A 19 ? A 43 ? 19 1 
1 A A 5  1_555 A U 26 1_555 0.066  -0.291 0.839  0.732   -14.127 0.750   5  A_A20:U42_A A 20 ? A 42 ? 20 1 
1 A G 6  1_555 A C 25 1_555 0.100  -0.156 0.473  -1.954  -20.319 1.886   6  A_G21:C41_A A 21 ? A 41 ? 19 1 
1 A A 7  1_555 A U 24 1_555 0.275  -0.291 0.782  -7.025  -25.893 -12.391 7  A_A22:U40_A A 22 ? A 40 ? 20 1 
1 A G 10 1_555 A C 23 1_555 -0.887 -0.332 0.201  -15.655 -21.388 -4.695  8  A_G26:C39_A A 26 ? A 39 ? 19 1 
1 A A 11 1_555 A U 22 1_555 -0.181 -0.171 0.500  -2.690  -6.248  -4.816  9  A_A27:U38_A A 27 ? A 38 ? 20 1 
1 A G 12 1_555 A C 21 1_555 -0.083 -0.145 0.781  14.424  -9.949  -2.587  10 A_G28:C37_A A 28 ? A 37 ? 19 1 
1 A C 13 1_555 A G 20 1_555 1.213  -0.426 0.037  14.752  -20.906 -2.367  11 A_C29:G36_A A 29 ? A 36 ? 19 1 
1 A G 16 1_555 A G 17 1_555 -6.437 0.602  2.155  -39.643 -21.089 -4.402  12 A_G32:G33_A A 32 ? A 33 ? ?  ? 
# 
loop_
_ndb_struct_na_base_pair_step.model_number 
_ndb_struct_na_base_pair_step.i_label_asym_id_1 
_ndb_struct_na_base_pair_step.i_label_comp_id_1 
_ndb_struct_na_base_pair_step.i_label_seq_id_1 
_ndb_struct_na_base_pair_step.i_symmetry_1 
_ndb_struct_na_base_pair_step.j_label_asym_id_1 
_ndb_struct_na_base_pair_step.j_label_comp_id_1 
_ndb_struct_na_base_pair_step.j_label_seq_id_1 
_ndb_struct_na_base_pair_step.j_symmetry_1 
_ndb_struct_na_base_pair_step.i_label_asym_id_2 
_ndb_struct_na_base_pair_step.i_label_comp_id_2 
_ndb_struct_na_base_pair_step.i_label_seq_id_2 
_ndb_struct_na_base_pair_step.i_symmetry_2 
_ndb_struct_na_base_pair_step.j_label_asym_id_2 
_ndb_struct_na_base_pair_step.j_label_comp_id_2 
_ndb_struct_na_base_pair_step.j_label_seq_id_2 
_ndb_struct_na_base_pair_step.j_symmetry_2 
_ndb_struct_na_base_pair_step.shift 
_ndb_struct_na_base_pair_step.slide 
_ndb_struct_na_base_pair_step.rise 
_ndb_struct_na_base_pair_step.tilt 
_ndb_struct_na_base_pair_step.roll 
_ndb_struct_na_base_pair_step.twist 
_ndb_struct_na_base_pair_step.x_displacement 
_ndb_struct_na_base_pair_step.y_displacement 
_ndb_struct_na_base_pair_step.helical_rise 
_ndb_struct_na_base_pair_step.inclination 
_ndb_struct_na_base_pair_step.tip 
_ndb_struct_na_base_pair_step.helical_twist 
_ndb_struct_na_base_pair_step.step_number 
_ndb_struct_na_base_pair_step.step_name 
_ndb_struct_na_base_pair_step.i_auth_asym_id_1 
_ndb_struct_na_base_pair_step.i_auth_seq_id_1 
_ndb_struct_na_base_pair_step.i_PDB_ins_code_1 
_ndb_struct_na_base_pair_step.j_auth_asym_id_1 
_ndb_struct_na_base_pair_step.j_auth_seq_id_1 
_ndb_struct_na_base_pair_step.j_PDB_ins_code_1 
_ndb_struct_na_base_pair_step.i_auth_asym_id_2 
_ndb_struct_na_base_pair_step.i_auth_seq_id_2 
_ndb_struct_na_base_pair_step.i_PDB_ins_code_2 
_ndb_struct_na_base_pair_step.j_auth_asym_id_2 
_ndb_struct_na_base_pair_step.j_auth_seq_id_2 
_ndb_struct_na_base_pair_step.j_PDB_ins_code_2 
1 A G 1  1_555 A C 30 1_555 A G 2  1_555 A C 29 1_555 0.224  -1.057 2.766 -4.901 2.574   32.677 -2.212 -1.077 2.617 4.535   8.633  
33.130 1  AA_G16G17:C45C46_AA A 16 ? A 46 ? A 17 ? A 45 ? 
1 A G 2  1_555 A C 29 1_555 A C 3  1_555 A G 28 1_555 -0.146 -1.911 2.787 1.484  -1.515  33.444 -3.099 0.464  2.860 -2.629  -2.575 
33.510 2  AA_G17C18:G44C45_AA A 17 ? A 45 ? A 18 ? A 44 ? 
1 A C 3  1_555 A G 28 1_555 A C 4  1_555 A G 27 1_555 0.287  -2.106 2.862 -1.019 4.668   28.961 -4.984 -0.747 2.488 9.254   2.021  
29.344 3  AA_C18C19:G43G44_AA A 18 ? A 44 ? A 19 ? A 43 ? 
1 A C 4  1_555 A G 27 1_555 A A 5  1_555 A U 26 1_555 0.048  -1.776 2.974 -4.034 -0.592  35.939 -2.785 -0.597 2.979 -0.956  6.512  
36.162 4  AA_C19A20:U42G43_AA A 19 ? A 43 ? A 20 ? A 42 ? 
1 A A 5  1_555 A U 26 1_555 A G 6  1_555 A C 25 1_555 0.367  -1.680 3.552 3.927  -11.057 35.116 -0.904 0.041  3.905 -17.725 -6.296 
36.965 5  AA_A20G21:C41U42_AA A 20 ? A 42 ? A 21 ? A 41 ? 
1 A G 6  1_555 A C 25 1_555 A A 7  1_555 A U 24 1_555 -0.498 -1.826 3.267 1.286  -8.620  35.646 -1.648 0.979  3.578 -13.828 -2.064 
36.662 6  AA_G21A22:U40C41_AA A 21 ? A 41 ? A 22 ? A 40 ? 
1 A A 7  1_555 A U 24 1_555 A G 10 1_555 A C 23 1_555 -2.250 -1.555 2.756 -5.001 -0.803  46.077 -1.916 2.485  2.996 -1.022  6.366  
46.340 7  AA_A22G26:C39U40_AA A 22 ? A 40 ? A 26 ? A 39 ? 
1 A G 10 1_555 A C 23 1_555 A A 11 1_555 A U 22 1_555 0.099  -2.035 2.772 -0.695 -4.778  28.889 -3.099 -0.330 3.058 -9.493  1.380  
29.281 8  AA_G26A27:U38C39_AA A 26 ? A 39 ? A 27 ? A 38 ? 
1 A A 11 1_555 A U 22 1_555 A G 12 1_555 A C 21 1_555 0.101  -1.652 2.731 -3.079 -6.423  31.388 -1.966 -0.669 2.979 -11.684 5.602  
32.167 9  AA_A27G28:C37U38_AA A 27 ? A 38 ? A 28 ? A 37 ? 
1 A G 12 1_555 A C 21 1_555 A C 13 1_555 A G 20 1_555 0.315  -1.508 3.125 4.288  -2.472  40.303 -1.905 0.011  3.224 -3.572  -6.194 
40.593 10 AA_G28C29:G36C37_AA A 28 ? A 37 ? A 29 ? A 36 ? 
# 
loop_
_pdbx_nmr_spectrometer.spectrometer_id 
_pdbx_nmr_spectrometer.model 
_pdbx_nmr_spectrometer.manufacturer 
_pdbx_nmr_spectrometer.field_strength 
1 VXR500    Varian      500 
2 UNITYPLUS Varian      591 
3 HOME-MADE 'HOME MADE' 750 
# 
_atom_sites.entry_id                    1AKX 
_atom_sites.fract_transf_matrix[1][1]   1.000000 
_atom_sites.fract_transf_matrix[1][2]   0.000000 
_atom_sites.fract_transf_matrix[1][3]   0.000000 
_atom_sites.fract_transf_matrix[2][1]   0.000000 
_atom_sites.fract_transf_matrix[2][2]   1.000000 
_atom_sites.fract_transf_matrix[2][3]   0.000000 
_atom_sites.fract_transf_matrix[3][1]   0.000000 
_atom_sites.fract_transf_matrix[3][2]   0.000000 
_atom_sites.fract_transf_matrix[3][3]   1.000000 
_atom_sites.fract_transf_vector[1]      0.00000 
_atom_sites.fract_transf_vector[2]      0.00000 
_atom_sites.fract_transf_vector[3]      0.00000 
# 
loop_
_atom_type.symbol 
C 
H 
N 
O 
P 
# 
loop_
_atom_site.group_PDB 
_atom_site.id 
_atom_site.type_symbol 
_atom_site.label_atom_id 
_atom_site.label_alt_id 
_atom_site.label_comp_id 
_atom_site.label_asym_id 
_atom_site.label_entity_id 
_atom_site.label_seq_id 
_atom_site.pdbx_PDB_ins_code 
_atom_site.Cartn_x 
_atom_site.Cartn_y 
_atom_site.Cartn_z 
_atom_site.occupancy 
_atom_site.B_iso_or_equiv 
_atom_site.pdbx_formal_charge 
_atom_site.auth_seq_id 
_atom_site.auth_comp_id 
_atom_site.auth_asym_id 
_atom_site.auth_atom_id 
_atom_site.pdbx_PDB_model_num 
ATOM   1   O "O5'"  . G   A 1 1  ? 20.371  -14.469 -19.057 1.00 0.00 ? 16 G   A "O5'"  1 
ATOM   2   C "C5'"  . G   A 1 1  ? 19.133  -13.888 -18.644 1.00 0.00 ? 16 G   A "C5'"  1 
ATOM   3   C "C4'"  . G   A 1 1  ? 17.957  -14.752 -19.039 1.00 0.00 ? 16 G   A "C4'"  1 
ATOM   4   O "O4'"  . G   A 1 1  ? 18.016  -15.996 -18.292 1.00 0.00 ? 16 G   A "O4'"  1 
ATOM   5   C "C3'"  . G   A 1 1  ? 16.587  -14.177 -18.718 1.00 0.00 ? 16 G   A "C3'"  1 
ATOM   6   O "O3'"  . G   A 1 1  ? 16.128  -13.323 -19.762 1.00 0.00 ? 16 G   A "O3'"  1 
ATOM   7   C "C2'"  . G   A 1 1  ? 15.723  -15.426 -18.584 1.00 0.00 ? 16 G   A "C2'"  1 
ATOM   8   O "O2'"  . G   A 1 1  ? 15.318  -15.932 -19.842 1.00 0.00 ? 16 G   A "O2'"  1 
ATOM   9   C "C1'"  . G   A 1 1  ? 16.705  -16.405 -17.937 1.00 0.00 ? 16 G   A "C1'"  1 
ATOM   10  N N9     . G   A 1 1  ? 16.606  -16.454 -16.479 1.00 0.00 ? 16 G   A N9     1 
ATOM   11  C C8     . G   A 1 1  ? 17.417  -15.822 -15.566 1.00 0.00 ? 16 G   A C8     1 
ATOM   12  N N7     . G   A 1 1  ? 17.080  -16.055 -14.327 1.00 0.00 ? 16 G   A N7     1 
ATOM   13  C C5     . G   A 1 1  ? 15.979  -16.895 -14.425 1.00 0.00 ? 16 G   A C5     1 
ATOM   14  C C6     . G   A 1 1  ? 15.175  -17.487 -13.410 1.00 0.00 ? 16 G   A C6     1 
ATOM   15  O O6     . G   A 1 1  ? 15.288  -17.380 -12.183 1.00 0.00 ? 16 G   A O6     1 
ATOM   16  N N1     . G   A 1 1  ? 14.151  -18.275 -13.944 1.00 0.00 ? 16 G   A N1     1 
ATOM   17  C C2     . G   A 1 1  ? 13.937  -18.462 -15.294 1.00 0.00 ? 16 G   A C2     1 
ATOM   18  N N2     . G   A 1 1  ? 12.905  -19.252 -15.625 1.00 0.00 ? 16 G   A N2     1 
ATOM   19  N N3     . G   A 1 1  ? 14.678  -17.915 -16.248 1.00 0.00 ? 16 G   A N3     1 
ATOM   20  C C4     . G   A 1 1  ? 15.673  -17.149 -15.747 1.00 0.00 ? 16 G   A C4     1 
ATOM   21  H "H5'"  . G   A 1 1  ? 19.022  -12.905 -19.105 1.00 0.00 ? 16 G   A "H5'"  1 
ATOM   22  H "H5''" . G   A 1 1  ? 19.129  -13.768 -17.562 1.00 0.00 ? 16 G   A "H5''" 1 
ATOM   23  H "H4'"  . G   A 1 1  ? 17.999  -14.891 -20.120 1.00 0.00 ? 16 G   A "H4'"  1 
ATOM   24  H "H3'"  . G   A 1 1  ? 16.602  -13.572 -17.812 1.00 0.00 ? 16 G   A "H3'"  1 
ATOM   25  H "H2'"  . G   A 1 1  ? 14.875  -15.226 -17.925 1.00 0.00 ? 16 G   A "H2'"  1 
ATOM   26  H "HO2'" . G   A 1 1  ? 14.500  -15.492 -20.076 1.00 0.00 ? 16 G   A "HO2'" 1 
ATOM   27  H "H1'"  . G   A 1 1  ? 16.578  -17.421 -18.316 1.00 0.00 ? 16 G   A "H1'"  1 
ATOM   28  H H8     . G   A 1 1  ? 18.249  -15.193 -15.847 1.00 0.00 ? 16 G   A H8     1 
ATOM   29  H H1     . G   A 1 1  ? 13.527  -18.737 -13.298 1.00 0.00 ? 16 G   A H1     1 
ATOM   30  H H21    . G   A 1 1  ? 12.338  -19.671 -14.901 1.00 0.00 ? 16 G   A H21    1 
ATOM   31  H H22    . G   A 1 1  ? 12.695  -19.428 -16.596 1.00 0.00 ? 16 G   A H22    1 
ATOM   32  H "HO5'" . G   A 1 1  ? 20.390  -14.447 -20.017 1.00 0.00 ? 16 G   A "HO5'" 1 
ATOM   33  P P      . G   A 1 2  ? 14.835  -12.391 -19.532 1.00 0.00 ? 17 G   A P      1 
ATOM   34  O OP1    . G   A 1 2  ? 14.654  -11.576 -20.760 1.00 0.00 ? 17 G   A OP1    1 
ATOM   35  O OP2    . G   A 1 2  ? 14.975  -11.714 -18.216 1.00 0.00 ? 17 G   A OP2    1 
ATOM   36  O "O5'"  . G   A 1 2  ? 13.624  -13.423 -19.441 1.00 0.00 ? 17 G   A "O5'"  1 
ATOM   37  C "C5'"  . G   A 1 2  ? 12.416  -13.088 -18.760 1.00 0.00 ? 17 G   A "C5'"  1 
ATOM   38  C "C4'"  . G   A 1 2  ? 11.582  -14.329 -18.545 1.00 0.00 ? 17 G   A "C4'"  1 
ATOM   39  O "O4'"  . G   A 1 2  ? 12.409  -15.361 -17.938 1.00 0.00 ? 17 G   A "O4'"  1 
ATOM   40  C "C3'"  . G   A 1 2  ? 10.403  -14.170 -17.593 1.00 0.00 ? 17 G   A "C3'"  1 
ATOM   41  O "O3'"  . G   A 1 2  ? 9.241   -13.707 -18.277 1.00 0.00 ? 17 G   A "O3'"  1 
ATOM   42  C "C2'"  . G   A 1 2  ? 10.225  -15.582 -17.053 1.00 0.00 ? 17 G   A "C2'"  1 
ATOM   43  O "O2'"  . G   A 1 2  ? 9.584   -16.435 -17.984 1.00 0.00 ? 17 G   A "O2'"  1 
ATOM   44  C "C1'"  . G   A 1 2  ? 11.686  -16.003 -16.901 1.00 0.00 ? 17 G   A "C1'"  1 
ATOM   45  N N9     . G   A 1 2  ? 12.272  -15.624 -15.616 1.00 0.00 ? 17 G   A N9     1 
ATOM   46  C C8     . G   A 1 2  ? 13.285  -14.721 -15.394 1.00 0.00 ? 17 G   A C8     1 
ATOM   47  N N7     . G   A 1 2  ? 13.594  -14.591 -14.132 1.00 0.00 ? 17 G   A N7     1 
ATOM   48  C C5     . G   A 1 2  ? 12.732  -15.461 -13.479 1.00 0.00 ? 17 G   A C5     1 
ATOM   49  C C6     . G   A 1 2  ? 12.594  -15.757 -12.094 1.00 0.00 ? 17 G   A C6     1 
ATOM   50  O O6     . G   A 1 2  ? 13.229  -15.286 -11.143 1.00 0.00 ? 17 G   A O6     1 
ATOM   51  N N1     . G   A 1 2  ? 11.594  -16.705 -11.856 1.00 0.00 ? 17 G   A N1     1 
ATOM   52  C C2     . G   A 1 2  ? 10.826  -17.289 -12.842 1.00 0.00 ? 17 G   A C2     1 
ATOM   53  N N2     . G   A 1 2  ? 9.911   -18.178 -12.431 1.00 0.00 ? 17 G   A N2     1 
ATOM   54  N N3     . G   A 1 2  ? 10.947  -17.022 -14.136 1.00 0.00 ? 17 G   A N3     1 
ATOM   55  C C4     . G   A 1 2  ? 11.910  -16.106 -14.381 1.00 0.00 ? 17 G   A C4     1 
ATOM   56  H "H5'"  . G   A 1 2  ? 11.847  -12.371 -19.353 1.00 0.00 ? 17 G   A "H5'"  1 
ATOM   57  H "H5''" . G   A 1 2  ? 12.647  -12.643 -17.792 1.00 0.00 ? 17 G   A "H5''" 1 
ATOM   58  H "H4'"  . G   A 1 2  ? 11.169  -14.619 -19.513 1.00 0.00 ? 17 G   A "H4'"  1 
ATOM   59  H "H3'"  . G   A 1 2  ? 10.609  -13.442 -16.810 1.00 0.00 ? 17 G   A "H3'"  1 
ATOM   60  H "H2'"  . G   A 1 2  ? 9.715   -15.557 -16.087 1.00 0.00 ? 17 G   A "H2'"  1 
ATOM   61  H "HO2'" . G   A 1 2  ? 8.824   -16.818 -17.542 1.00 0.00 ? 17 G   A "HO2'" 1 
ATOM   62  H "H1'"  . G   A 1 2  ? 11.822  -17.077 -17.033 1.00 0.00 ? 17 G   A "H1'"  1 
ATOM   63  H H8     . G   A 1 2  ? 13.776  -14.173 -16.184 1.00 0.00 ? 17 G   A H8     1 
ATOM   64  H H1     . G   A 1 2  ? 11.423  -16.979 -10.898 1.00 0.00 ? 17 G   A H1     1 
ATOM   65  H H21    . G   A 1 2  ? 9.815   -18.386 -11.447 1.00 0.00 ? 17 G   A H21    1 
ATOM   66  H H22    . G   A 1 2  ? 9.317   -18.641 -13.104 1.00 0.00 ? 17 G   A H22    1 
ATOM   67  P P      . C   A 1 3  ? 8.091   -12.918 -17.473 1.00 0.00 ? 18 C   A P      1 
ATOM   68  O OP1    . C   A 1 3  ? 7.005   -12.576 -18.427 1.00 0.00 ? 18 C   A OP1    1 
ATOM   69  O OP2    . C   A 1 3  ? 8.751   -11.835 -16.699 1.00 0.00 ? 18 C   A OP2    1 
ATOM   70  O "O5'"  . C   A 1 3  ? 7.528   -13.993 -16.439 1.00 0.00 ? 18 C   A "O5'"  1 
ATOM   71  C "C5'"  . C   A 1 3  ? 6.729   -15.091 -16.876 1.00 0.00 ? 18 C   A "C5'"  1 
ATOM   72  C "C4'"  . C   A 1 3  ? 6.260   -15.902 -15.688 1.00 0.00 ? 18 C   A "C4'"  1 
ATOM   73  O "O4'"  . C   A 1 3  ? 7.411   -16.354 -14.935 1.00 0.00 ? 18 C   A "O4'"  1 
ATOM   74  C "C3'"  . C   A 1 3  ? 5.417   -15.149 -14.672 1.00 0.00 ? 18 C   A "C3'"  1 
ATOM   75  O "O3'"  . C   A 1 3  ? 4.046   -15.124 -15.061 1.00 0.00 ? 18 C   A "O3'"  1 
ATOM   76  C "C2'"  . C   A 1 3  ? 5.632   -15.955 -13.392 1.00 0.00 ? 18 C   A "C2'"  1 
ATOM   77  O "O2'"  . C   A 1 3  ? 4.779   -17.082 -13.326 1.00 0.00 ? 18 C   A "O2'"  1 
ATOM   78  C "C1'"  . C   A 1 3  ? 7.082   -16.428 -13.556 1.00 0.00 ? 18 C   A "C1'"  1 
ATOM   79  N N1     . C   A 1 3  ? 8.054   -15.623 -12.785 1.00 0.00 ? 18 C   A N1     1 
ATOM   80  C C2     . C   A 1 3  ? 8.258   -15.926 -11.430 1.00 0.00 ? 18 C   A C2     1 
ATOM   81  O O2     . C   A 1 3  ? 7.615   -16.853 -10.913 1.00 0.00 ? 18 C   A O2     1 
ATOM   82  N N3     . C   A 1 3  ? 9.153   -15.196 -10.718 1.00 0.00 ? 18 C   A N3     1 
ATOM   83  C C4     . C   A 1 3  ? 9.828   -14.202 -11.307 1.00 0.00 ? 18 C   A C4     1 
ATOM   84  N N4     . C   A 1 3  ? 10.700  -13.515 -10.566 1.00 0.00 ? 18 C   A N4     1 
ATOM   85  C C5     . C   A 1 3  ? 9.639   -13.869 -12.682 1.00 0.00 ? 18 C   A C5     1 
ATOM   86  C C6     . C   A 1 3  ? 8.751   -14.597 -13.377 1.00 0.00 ? 18 C   A C6     1 
ATOM   87  H "H5'"  . C   A 1 3  ? 7.314   -15.731 -17.538 1.00 0.00 ? 18 C   A "H5'"  1 
ATOM   88  H "H5''" . C   A 1 3  ? 5.860   -14.723 -17.418 1.00 0.00 ? 18 C   A "H5''" 1 
ATOM   89  H "H4'"  . C   A 1 3  ? 5.642   -16.716 -16.069 1.00 0.00 ? 18 C   A "H4'"  1 
ATOM   90  H "H3'"  . C   A 1 3  ? 5.727   -14.110 -14.576 1.00 0.00 ? 18 C   A "H3'"  1 
ATOM   91  H "H2'"  . C   A 1 3  ? 5.528   -15.306 -12.520 1.00 0.00 ? 18 C   A "H2'"  1 
ATOM   92  H "HO2'" . C   A 1 3  ? 4.289   -17.022 -12.506 1.00 0.00 ? 18 C   A "HO2'" 1 
ATOM   93  H "H1'"  . C   A 1 3  ? 7.204   -17.471 -13.261 1.00 0.00 ? 18 C   A "H1'"  1 
ATOM   94  H H41    . C   A 1 3  ? 10.835  -13.754 -9.594  1.00 0.00 ? 18 C   A H41    1 
ATOM   95  H H42    . C   A 1 3  ? 11.226  -12.758 -10.978 1.00 0.00 ? 18 C   A H42    1 
ATOM   96  H H5     . C   A 1 3  ? 10.192  -13.054 -13.150 1.00 0.00 ? 18 C   A H5     1 
ATOM   97  H H6     . C   A 1 3  ? 8.582   -14.367 -14.428 1.00 0.00 ? 18 C   A H6     1 
ATOM   98  P P      . C   A 1 4  ? 2.983   -14.257 -14.220 1.00 0.00 ? 19 C   A P      1 
ATOM   99  O OP1    . C   A 1 4  ? 1.638   -14.538 -14.782 1.00 0.00 ? 19 C   A OP1    1 
ATOM   100 O OP2    . C   A 1 4  ? 3.471   -12.854 -14.156 1.00 0.00 ? 19 C   A OP2    1 
ATOM   101 O "O5'"  . C   A 1 4  ? 3.045   -14.881 -12.754 1.00 0.00 ? 19 C   A "O5'"  1 
ATOM   102 C "C5'"  . C   A 1 4  ? 3.032   -14.050 -11.596 1.00 0.00 ? 19 C   A "C5'"  1 
ATOM   103 C "C4'"  . C   A 1 4  ? 3.120   -14.899 -10.349 1.00 0.00 ? 19 C   A "C4'"  1 
ATOM   104 O "O4'"  . C   A 1 4  ? 4.455   -15.470 -10.253 1.00 0.00 ? 19 C   A "O4'"  1 
ATOM   105 C "C3'"  . C   A 1 4  ? 2.925   -14.151 -9.037  1.00 0.00 ? 19 C   A "C3'"  1 
ATOM   106 O "O3'"  . C   A 1 4  ? 1.548   -14.073 -8.682  1.00 0.00 ? 19 C   A "O3'"  1 
ATOM   107 C "C2'"  . C   A 1 4  ? 3.719   -14.999 -8.054  1.00 0.00 ? 19 C   A "C2'"  1 
ATOM   108 O "O2'"  . C   A 1 4  ? 3.026   -16.175 -7.679  1.00 0.00 ? 19 C   A "O2'"  1 
ATOM   109 C "C1'"  . C   A 1 4  ? 4.923   -15.372 -8.917  1.00 0.00 ? 19 C   A "C1'"  1 
ATOM   110 N N1     . C   A 1 4  ? 6.021   -14.381 -8.858  1.00 0.00 ? 19 C   A N1     1 
ATOM   111 C C2     . C   A 1 4  ? 6.729   -14.227 -7.655  1.00 0.00 ? 19 C   A C2     1 
ATOM   112 O O2     . C   A 1 4  ? 6.419   -14.926 -6.678  1.00 0.00 ? 19 C   A O2     1 
ATOM   113 N N3     . C   A 1 4  ? 7.734   -13.319 -7.591  1.00 0.00 ? 19 C   A N3     1 
ATOM   114 C C4     . C   A 1 4  ? 8.043   -12.581 -8.664  1.00 0.00 ? 19 C   A C4     1 
ATOM   115 N N4     . C   A 1 4  ? 9.041   -11.703 -8.551  1.00 0.00 ? 19 C   A N4     1 
ATOM   116 C C5     . C   A 1 4  ? 7.341   -12.714 -9.901  1.00 0.00 ? 19 C   A C5     1 
ATOM   117 C C6     . C   A 1 4  ? 6.349   -13.616 -9.953  1.00 0.00 ? 19 C   A C6     1 
ATOM   118 H "H5'"  . C   A 1 4  ? 2.111   -13.468 -11.570 1.00 0.00 ? 19 C   A "H5'"  1 
ATOM   119 H "H5''" . C   A 1 4  ? 3.881   -13.369 -11.620 1.00 0.00 ? 19 C   A "H5''" 1 
ATOM   120 H "H4'"  . C   A 1 4  ? 2.329   -15.649 -10.404 1.00 0.00 ? 19 C   A "H4'"  1 
ATOM   121 H "H3'"  . C   A 1 4  ? 3.286   -13.125 -9.098  1.00 0.00 ? 19 C   A "H3'"  1 
ATOM   122 H "H2'"  . C   A 1 4  ? 4.019   -14.398 -7.192  1.00 0.00 ? 19 C   A "H2'"  1 
ATOM   123 H "HO2'" . C   A 1 4  ? 3.173   -16.305 -6.742  1.00 0.00 ? 19 C   A "HO2'" 1 
ATOM   124 H "H1'"  . C   A 1 4  ? 5.334   -16.347 -8.650  1.00 0.00 ? 19 C   A "H1'"  1 
ATOM   125 H H41    . C   A 1 4  ? 9.536   -11.609 -7.676  1.00 0.00 ? 19 C   A H41    1 
ATOM   126 H H42    . C   A 1 4  ? 9.300   -11.129 -9.341  1.00 0.00 ? 19 C   A H42    1 
ATOM   127 H H5     . C   A 1 4  ? 7.600   -12.105 -10.767 1.00 0.00 ? 19 C   A H5     1 
ATOM   128 H H6     . C   A 1 4  ? 5.798   -13.743 -10.884 1.00 0.00 ? 19 C   A H6     1 
ATOM   129 P P      . A   A 1 5  ? 1.010   -12.836 -7.805  1.00 0.00 ? 20 A   A P      1 
ATOM   130 O OP1    . A   A 1 5  ? -0.439  -13.040 -7.552  1.00 0.00 ? 20 A   A OP1    1 
ATOM   131 O OP2    . A   A 1 5  ? 1.468   -11.587 -8.467  1.00 0.00 ? 20 A   A OP2    1 
ATOM   132 O "O5'"  . A   A 1 5  ? 1.786   -12.975 -6.421  1.00 0.00 ? 20 A   A "O5'"  1 
ATOM   133 C "C5'"  . A   A 1 5  ? 1.444   -13.995 -5.486  1.00 0.00 ? 20 A   A "C5'"  1 
ATOM   134 C "C4'"  . A   A 1 5  ? 2.360   -13.934 -4.285  1.00 0.00 ? 20 A   A "C4'"  1 
ATOM   135 O "O4'"  . A   A 1 5  ? 3.734   -14.087 -4.724  1.00 0.00 ? 20 A   A "O4'"  1 
ATOM   136 C "C3'"  . A   A 1 5  ? 2.361   -12.620 -3.525  1.00 0.00 ? 20 A   A "C3'"  1 
ATOM   137 O "O3'"  . A   A 1 5  ? 1.281   -12.547 -2.599  1.00 0.00 ? 20 A   A "O3'"  1 
ATOM   138 C "C2'"  . A   A 1 5  ? 3.711   -12.658 -2.820  1.00 0.00 ? 20 A   A "C2'"  1 
ATOM   139 O "O2'"  . A   A 1 5  ? 3.692   -13.488 -1.673  1.00 0.00 ? 20 A   A "O2'"  1 
ATOM   140 C "C1'"  . A   A 1 5  ? 4.585   -13.305 -3.899  1.00 0.00 ? 20 A   A "C1'"  1 
ATOM   141 N N9     . A   A 1 5  ? 5.290   -12.327 -4.732  1.00 0.00 ? 20 A   A N9     1 
ATOM   142 C C8     . A   A 1 5  ? 5.061   -12.012 -6.050  1.00 0.00 ? 20 A   A C8     1 
ATOM   143 N N7     . A   A 1 5  ? 5.865   -11.088 -6.521  1.00 0.00 ? 20 A   A N7     1 
ATOM   144 C C5     . A   A 1 5  ? 6.676   -10.772 -5.442  1.00 0.00 ? 20 A   A C5     1 
ATOM   145 C C6     . A   A 1 5  ? 7.738   -9.858  -5.285  1.00 0.00 ? 20 A   A C6     1 
ATOM   146 N N6     . A   A 1 5  ? 8.182   -9.064  -6.261  1.00 0.00 ? 20 A   A N6     1 
ATOM   147 N N1     . A   A 1 5  ? 8.340   -9.788  -4.071  1.00 0.00 ? 20 A   A N1     1 
ATOM   148 C C2     . A   A 1 5  ? 7.897   -10.585 -3.085  1.00 0.00 ? 20 A   A C2     1 
ATOM   149 N N3     . A   A 1 5  ? 6.909   -11.482 -3.111  1.00 0.00 ? 20 A   A N3     1 
ATOM   150 C C4     . A   A 1 5  ? 6.333   -11.527 -4.332  1.00 0.00 ? 20 A   A C4     1 
ATOM   151 H "H5'"  . A   A 1 5  ? 1.536   -14.973 -5.958  1.00 0.00 ? 20 A   A "H5'"  1 
ATOM   152 H "H5''" . A   A 1 5  ? 0.415   -13.859 -5.152  1.00 0.00 ? 20 A   A "H5''" 1 
ATOM   153 H "H4'"  . A   A 1 5  ? 2.038   -14.705 -3.585  1.00 0.00 ? 20 A   A "H4'"  1 
ATOM   154 H "H3'"  . A   A 1 5  ? 2.256   -11.764 -4.190  1.00 0.00 ? 20 A   A "H3'"  1 
ATOM   155 H "H2'"  . A   A 1 5  ? 4.048   -11.645 -2.596  1.00 0.00 ? 20 A   A "H2'"  1 
ATOM   156 H "HO2'" . A   A 1 5  ? 4.102   -12.998 -0.961  1.00 0.00 ? 20 A   A "HO2'" 1 
ATOM   157 H "H1'"  . A   A 1 5  ? 5.327   -13.983 -3.475  1.00 0.00 ? 20 A   A "H1'"  1 
ATOM   158 H H8     . A   A 1 5  ? 4.289   -12.478 -6.644  1.00 0.00 ? 20 A   A H8     1 
ATOM   159 H H61    . A   A 1 5  ? 8.948   -8.429  -6.088  1.00 0.00 ? 20 A   A H61    1 
ATOM   160 H H62    . A   A 1 5  ? 7.750   -9.097  -7.174  1.00 0.00 ? 20 A   A H62    1 
ATOM   161 H H2     . A   A 1 5  ? 8.416   -10.487 -2.132  1.00 0.00 ? 20 A   A H2     1 
ATOM   162 P P      . G   A 1 6  ? 0.807   -11.118 -2.028  1.00 0.00 ? 21 G   A P      1 
ATOM   163 O OP1    . G   A 1 6  ? -0.325  -11.343 -1.093  1.00 0.00 ? 21 G   A OP1    1 
ATOM   164 O OP2    . G   A 1 6  ? 0.626   -10.210 -3.189  1.00 0.00 ? 21 G   A OP2    1 
ATOM   165 O "O5'"  . G   A 1 6  ? 2.059   -10.600 -1.186  1.00 0.00 ? 21 G   A "O5'"  1 
ATOM   166 C "C5'"  . G   A 1 6  ? 2.355   -11.138 0.100   1.00 0.00 ? 21 G   A "C5'"  1 
ATOM   167 C "C4'"  . G   A 1 6  ? 3.717   -10.672 0.565   1.00 0.00 ? 21 G   A "C4'"  1 
ATOM   168 O "O4'"  . G   A 1 6  ? 4.669   -10.779 -0.525  1.00 0.00 ? 21 G   A "O4'"  1 
ATOM   169 C "C3'"  . G   A 1 6  ? 3.807   -9.215  0.981   1.00 0.00 ? 21 G   A "C3'"  1 
ATOM   170 O "O3'"  . G   A 1 6  ? 3.346   -9.025  2.317   1.00 0.00 ? 21 G   A "O3'"  1 
ATOM   171 C "C2'"  . G   A 1 6  ? 5.298   -8.939  0.842   1.00 0.00 ? 21 G   A "C2'"  1 
ATOM   172 O "O2'"  . G   A 1 6  ? 6.044   -9.475  1.919   1.00 0.00 ? 21 G   A "O2'"  1 
ATOM   173 C "C1'"  . G   A 1 6  ? 5.614   -9.722  -0.433  1.00 0.00 ? 21 G   A "C1'"  1 
ATOM   174 N N9     . G   A 1 6  ? 5.536   -8.906  -1.643  1.00 0.00 ? 21 G   A N9     1 
ATOM   175 C C8     . G   A 1 6  ? 4.538   -8.903  -2.587  1.00 0.00 ? 21 G   A C8     1 
ATOM   176 N N7     . G   A 1 6  ? 4.753   -8.063  -3.563  1.00 0.00 ? 21 G   A N7     1 
ATOM   177 C C5     . G   A 1 6  ? 5.967   -7.470  -3.241  1.00 0.00 ? 21 G   A C5     1 
ATOM   178 C C6     . G   A 1 6  ? 6.720   -6.473  -3.924  1.00 0.00 ? 21 G   A C6     1 
ATOM   179 O O6     . G   A 1 6  ? 6.450   -5.900  -4.987  1.00 0.00 ? 21 G   A O6     1 
ATOM   180 N N1     . G   A 1 6  ? 7.901   -6.152  -3.246  1.00 0.00 ? 21 G   A N1     1 
ATOM   181 C C2     . G   A 1 6  ? 8.296   -6.729  -2.058  1.00 0.00 ? 21 G   A C2     1 
ATOM   182 N N2     . G   A 1 6  ? 9.456   -6.298  -1.548  1.00 0.00 ? 21 G   A N2     1 
ATOM   183 N N3     . G   A 1 6  ? 7.605   -7.660  -1.416  1.00 0.00 ? 21 G   A N3     1 
ATOM   184 C C4     . G   A 1 6  ? 6.460   -7.980  -2.058  1.00 0.00 ? 21 G   A C4     1 
ATOM   185 H "H5'"  . G   A 1 6  ? 2.347   -12.227 0.055   1.00 0.00 ? 21 G   A "H5'"  1 
ATOM   186 H "H5''" . G   A 1 6  ? 1.606   -10.808 0.819   1.00 0.00 ? 21 G   A "H5''" 1 
ATOM   187 H "H4'"  . G   A 1 6  ? 3.989   -11.266 1.438   1.00 0.00 ? 21 G   A "H4'"  1 
ATOM   188 H "H3'"  . G   A 1 6  ? 3.195   -8.573  0.347   1.00 0.00 ? 21 G   A "H3'"  1 
ATOM   189 H "H2'"  . G   A 1 6  ? 5.474   -7.869  0.702   1.00 0.00 ? 21 G   A "H2'"  1 
ATOM   190 H "HO2'" . G   A 1 6  ? 5.713   -9.073  2.722   1.00 0.00 ? 21 G   A "HO2'" 1 
ATOM   191 H "H1'"  . G   A 1 6  ? 6.604   -10.182 -0.399  1.00 0.00 ? 21 G   A "H1'"  1 
ATOM   192 H H8     . G   A 1 6  ? 3.658   -9.523  -2.521  1.00 0.00 ? 21 G   A H8     1 
ATOM   193 H H1     . G   A 1 6  ? 8.503   -5.450  -3.654  1.00 0.00 ? 21 G   A H1     1 
ATOM   194 H H21    . G   A 1 6  ? 9.988   -5.588  -2.031  1.00 0.00 ? 21 G   A H21    1 
ATOM   195 H H22    . G   A 1 6  ? 9.800   -6.681  -0.679  1.00 0.00 ? 21 G   A H22    1 
ATOM   196 P P      . A   A 1 7  ? 3.438   -7.572  3.005   1.00 0.00 ? 22 A   A P      1 
ATOM   197 O OP1    . A   A 1 7  ? 2.575   -7.601  4.214   1.00 0.00 ? 22 A   A OP1    1 
ATOM   198 O OP2    . A   A 1 7  ? 3.202   -6.542  1.961   1.00 0.00 ? 22 A   A OP2    1 
ATOM   199 O "O5'"  . A   A 1 7  ? 4.957   -7.467  3.480   1.00 0.00 ? 22 A   A "O5'"  1 
ATOM   200 C "C5'"  . A   A 1 7  ? 5.477   -6.259  4.032   1.00 0.00 ? 22 A   A "C5'"  1 
ATOM   201 C "C4'"  . A   A 1 7  ? 6.839   -5.956  3.442   1.00 0.00 ? 22 A   A "C4'"  1 
ATOM   202 O "O4'"  . A   A 1 7  ? 6.814   -6.257  2.025   1.00 0.00 ? 22 A   A "O4'"  1 
ATOM   203 C "C3'"  . A   A 1 7  ? 7.268   -4.499  3.506   1.00 0.00 ? 22 A   A "C3'"  1 
ATOM   204 O "O3'"  . A   A 1 7  ? 7.893   -4.195  4.751   1.00 0.00 ? 22 A   A "O3'"  1 
ATOM   205 C "C2'"  . A   A 1 7  ? 8.255   -4.378  2.347   1.00 0.00 ? 22 A   A "C2'"  1 
ATOM   206 O "O2'"  . A   A 1 7  ? 9.557   -4.792  2.714   1.00 0.00 ? 22 A   A "O2'"  1 
ATOM   207 C "C1'"  . A   A 1 7  ? 7.678   -5.373  1.330   1.00 0.00 ? 22 A   A "C1'"  1 
ATOM   208 N N9     . A   A 1 7  ? 6.928   -4.744  0.237   1.00 0.00 ? 22 A   A N9     1 
ATOM   209 C C8     . A   A 1 7  ? 5.605   -4.927  -0.098  1.00 0.00 ? 22 A   A C8     1 
ATOM   210 N N7     . A   A 1 7  ? 5.224   -4.239  -1.147  1.00 0.00 ? 22 A   A N7     1 
ATOM   211 C C5     . A   A 1 7  ? 6.366   -3.551  -1.526  1.00 0.00 ? 22 A   A C5     1 
ATOM   212 C C6     . A   A 1 7  ? 6.624   -2.643  -2.574  1.00 0.00 ? 22 A   A C6     1 
ATOM   213 N N6     . A   A 1 7  ? 5.707   -2.269  -3.468  1.00 0.00 ? 22 A   A N6     1 
ATOM   214 N N1     . A   A 1 7  ? 7.875   -2.130  -2.675  1.00 0.00 ? 22 A   A N1     1 
ATOM   215 C C2     . A   A 1 7  ? 8.800   -2.509  -1.778  1.00 0.00 ? 22 A   A C2     1 
ATOM   216 N N3     . A   A 1 7  ? 8.679   -3.356  -0.753  1.00 0.00 ? 22 A   A N3     1 
ATOM   217 C C4     . A   A 1 7  ? 7.424   -3.848  -0.680  1.00 0.00 ? 22 A   A C4     1 
ATOM   218 H "H5'"  . A   A 1 7  ? 5.571   -6.362  5.115   1.00 0.00 ? 22 A   A "H5'"  1 
ATOM   219 H "H5''" . A   A 1 7  ? 4.804   -5.431  3.814   1.00 0.00 ? 22 A   A "H5''" 1 
ATOM   220 H "H4'"  . A   A 1 7  ? 7.578   -6.531  3.999   1.00 0.00 ? 22 A   A "H4'"  1 
ATOM   221 H "H3'"  . A   A 1 7  ? 6.422   -3.820  3.415   1.00 0.00 ? 22 A   A "H3'"  1 
ATOM   222 H "H2'"  . A   A 1 7  ? 8.243   -3.360  1.951   1.00 0.00 ? 22 A   A "H2'"  1 
ATOM   223 H "HO2'" . A   A 1 7  ? 9.465   -5.413  3.438   1.00 0.00 ? 22 A   A "HO2'" 1 
ATOM   224 H "H1'"  . A   A 1 7  ? 8.459   -5.989  0.884   1.00 0.00 ? 22 A   A "H1'"  1 
ATOM   225 H H8     . A   A 1 7  ? 4.939   -5.569  0.457   1.00 0.00 ? 22 A   A H8     1 
ATOM   226 H H61    . A   A 1 7  ? 5.957   -1.626  -4.207  1.00 0.00 ? 22 A   A H61    1 
ATOM   227 H H62    . A   A 1 7  ? 4.769   -2.638  -3.415  1.00 0.00 ? 22 A   A H62    1 
ATOM   228 H H2     . A   A 1 7  ? 9.784   -2.062  -1.903  1.00 0.00 ? 22 A   A H2     1 
ATOM   229 P P      . U   A 1 8  ? 7.031   -4.153  6.108   1.00 0.00 ? 23 U   A P      1 
ATOM   230 O OP1    . U   A 1 8  ? 7.268   -5.417  6.850   1.00 0.00 ? 23 U   A OP1    1 
ATOM   231 O OP2    . U   A 1 8  ? 5.642   -3.762  5.751   1.00 0.00 ? 23 U   A OP2    1 
ATOM   232 O "O5'"  . U   A 1 8  ? 7.682   -2.958  6.937   1.00 0.00 ? 23 U   A "O5'"  1 
ATOM   233 C "C5'"  . U   A 1 8  ? 7.628   -1.615  6.459   1.00 0.00 ? 23 U   A "C5'"  1 
ATOM   234 C "C4'"  . U   A 1 8  ? 8.909   -1.265  5.734   1.00 0.00 ? 23 U   A "C4'"  1 
ATOM   235 O "O4'"  . U   A 1 8  ? 8.568   -0.629  4.470   1.00 0.00 ? 23 U   A "O4'"  1 
ATOM   236 C "C3'"  . U   A 1 8  ? 9.809   -0.267  6.459   1.00 0.00 ? 23 U   A "C3'"  1 
ATOM   237 O "O3'"  . U   A 1 8  ? 11.186  -0.527  6.197   1.00 0.00 ? 23 U   A "O3'"  1 
ATOM   238 C "C2'"  . U   A 1 8  ? 9.367   1.075   5.885   1.00 0.00 ? 23 U   A "C2'"  1 
ATOM   239 O "O2'"  . U   A 1 8  ? 10.404  2.036   5.922   1.00 0.00 ? 23 U   A "O2'"  1 
ATOM   240 C "C1'"  . U   A 1 8  ? 9.082   0.688   4.440   1.00 0.00 ? 23 U   A "C1'"  1 
ATOM   241 N N1     . U   A 1 8  ? 8.098   1.567   3.774   1.00 0.00 ? 23 U   A N1     1 
ATOM   242 C C2     . U   A 1 8  ? 8.547   2.787   3.287   1.00 0.00 ? 23 U   A C2     1 
ATOM   243 O O2     . U   A 1 8  ? 9.705   3.157   3.389   1.00 0.00 ? 23 U   A O2     1 
ATOM   244 N N3     . U   A 1 8  ? 7.587   3.560   2.675   1.00 0.00 ? 23 U   A N3     1 
ATOM   245 C C4     . U   A 1 8  ? 6.252   3.243   2.500   1.00 0.00 ? 23 U   A C4     1 
ATOM   246 O O4     . U   A 1 8  ? 5.513   4.039   1.918   1.00 0.00 ? 23 U   A O4     1 
ATOM   247 C C5     . U   A 1 8  ? 5.866   1.969   3.029   1.00 0.00 ? 23 U   A C5     1 
ATOM   248 C C6     . U   A 1 8  ? 6.774   1.191   3.635   1.00 0.00 ? 23 U   A C6     1 
ATOM   249 H "H5'"  . U   A 1 8  ? 7.493   -0.932  7.299   1.00 0.00 ? 23 U   A "H5'"  1 
ATOM   250 H "H5''" . U   A 1 8  ? 6.790   -1.500  5.772   1.00 0.00 ? 23 U   A "H5''" 1 
ATOM   251 H "H4'"  . U   A 1 8  ? 9.485   -2.184  5.620   1.00 0.00 ? 23 U   A "H4'"  1 
ATOM   252 H "H3'"  . U   A 1 8  ? 9.688   -0.321  7.541   1.00 0.00 ? 23 U   A "H3'"  1 
ATOM   253 H "H2'"  . U   A 1 8  ? 8.462   1.420   6.385   1.00 0.00 ? 23 U   A "H2'"  1 
ATOM   254 H "HO2'" . U   A 1 8  ? 10.001  2.882   6.119   1.00 0.00 ? 23 U   A "HO2'" 1 
ATOM   255 H "H1'"  . U   A 1 8  ? 9.987   0.666   3.834   1.00 0.00 ? 23 U   A "H1'"  1 
ATOM   256 H H3     . U   A 1 8  ? 7.888   4.455   2.319   1.00 0.00 ? 23 U   A H3     1 
ATOM   257 H H5     . U   A 1 8  ? 4.832   1.629   2.936   1.00 0.00 ? 23 U   A H5     1 
ATOM   258 H H6     . U   A 1 8  ? 6.454   0.230   4.039   1.00 0.00 ? 23 U   A H6     1 
ATOM   259 P P      . U   A 1 9  ? 11.959  -1.701  6.986   1.00 0.00 ? 25 U   A P      1 
ATOM   260 O OP1    . U   A 1 9  ? 11.263  -1.906  8.283   1.00 0.00 ? 25 U   A OP1    1 
ATOM   261 O OP2    . U   A 1 9  ? 13.410  -1.390  6.976   1.00 0.00 ? 25 U   A OP2    1 
ATOM   262 O "O5'"  . U   A 1 9  ? 11.720  -2.996  6.086   1.00 0.00 ? 25 U   A "O5'"  1 
ATOM   263 C "C5'"  . U   A 1 9  ? 12.132  -4.290  6.524   1.00 0.00 ? 25 U   A "C5'"  1 
ATOM   264 C "C4'"  . U   A 1 9  ? 13.000  -4.942  5.471   1.00 0.00 ? 25 U   A "C4'"  1 
ATOM   265 O "O4'"  . U   A 1 9  ? 13.194  -6.343  5.817   1.00 0.00 ? 25 U   A "O4'"  1 
ATOM   266 C "C3'"  . U   A 1 9  ? 12.421  -4.951  4.052   1.00 0.00 ? 25 U   A "C3'"  1 
ATOM   267 O "O3'"  . U   A 1 9  ? 13.437  -4.708  3.084   1.00 0.00 ? 25 U   A "O3'"  1 
ATOM   268 C "C2'"  . U   A 1 9  ? 11.850  -6.354  3.917   1.00 0.00 ? 25 U   A "C2'"  1 
ATOM   269 O "O2'"  . U   A 1 9  ? 11.821  -6.795  2.573   1.00 0.00 ? 25 U   A "O2'"  1 
ATOM   270 C "C1'"  . U   A 1 9  ? 12.898  -7.130  4.689   1.00 0.00 ? 25 U   A "C1'"  1 
ATOM   271 N N1     . U   A 1 9  ? 12.465  -8.468  5.130   1.00 0.00 ? 25 U   A N1     1 
ATOM   272 C C2     . U   A 1 9  ? 13.234  -9.561  4.744   1.00 0.00 ? 25 U   A C2     1 
ATOM   273 O O2     . U   A 1 9  ? 14.241  -9.461  4.064   1.00 0.00 ? 25 U   A O2     1 
ATOM   274 N N3     . U   A 1 9  ? 12.773  -10.780 5.189   1.00 0.00 ? 25 U   A N3     1 
ATOM   275 C C4     . U   A 1 9  ? 11.651  -11.012 5.962   1.00 0.00 ? 25 U   A C4     1 
ATOM   276 O O4     . U   A 1 9  ? 11.367  -12.167 6.284   1.00 0.00 ? 25 U   A O4     1 
ATOM   277 C C5     . U   A 1 9  ? 10.914  -9.834  6.317   1.00 0.00 ? 25 U   A C5     1 
ATOM   278 C C6     . U   A 1 9  ? 11.332  -8.631  5.902   1.00 0.00 ? 25 U   A C6     1 
ATOM   279 H "H5'"  . U   A 1 9  ? 11.256  -4.913  6.704   1.00 0.00 ? 25 U   A "H5'"  1 
ATOM   280 H "H5''" . U   A 1 9  ? 12.703  -4.205  7.448   1.00 0.00 ? 25 U   A "H5''" 1 
ATOM   281 H "H4'"  . U   A 1 9  ? 13.931  -4.383  5.419   1.00 0.00 ? 25 U   A "H4'"  1 
ATOM   282 H "H3'"  . U   A 1 9  ? 11.671  -4.174  3.913   1.00 0.00 ? 25 U   A "H3'"  1 
ATOM   283 H "H2'"  . U   A 1 9  ? 10.875  -6.418  4.402   1.00 0.00 ? 25 U   A "H2'"  1 
ATOM   284 H "HO2'" . U   A 1 9  ? 10.972  -6.545  2.210   1.00 0.00 ? 25 U   A "HO2'" 1 
ATOM   285 H "H1'"  . U   A 1 9  ? 13.824  -7.229  4.129   1.00 0.00 ? 25 U   A "H1'"  1 
ATOM   286 H H3     . U   A 1 9  ? 13.312  -11.590 4.922   1.00 0.00 ? 25 U   A H3     1 
ATOM   287 H H5     . U   A 1 9  ? 10.013  -9.919  6.924   1.00 0.00 ? 25 U   A H5     1 
ATOM   288 H H6     . U   A 1 9  ? 10.757  -7.750  6.186   1.00 0.00 ? 25 U   A H6     1 
ATOM   289 P P      . G   A 1 10 ? 13.532  -3.276  2.363   1.00 0.00 ? 26 G   A P      1 
ATOM   290 O OP1    . G   A 1 10 ? 12.212  -2.973  1.754   1.00 0.00 ? 26 G   A OP1    1 
ATOM   291 O OP2    . G   A 1 10 ? 14.747  -3.290  1.510   1.00 0.00 ? 26 G   A OP2    1 
ATOM   292 O "O5'"  . G   A 1 10 ? 13.785  -2.258  3.566   1.00 0.00 ? 26 G   A "O5'"  1 
ATOM   293 C "C5'"  . G   A 1 10 ? 13.160  -0.976  3.603   1.00 0.00 ? 26 G   A "C5'"  1 
ATOM   294 C "C4'"  . G   A 1 10 ? 13.820  -0.040  2.615   1.00 0.00 ? 26 G   A "C4'"  1 
ATOM   295 O "O4'"  . G   A 1 10 ? 13.562  -0.503  1.261   1.00 0.00 ? 26 G   A "O4'"  1 
ATOM   296 C "C3'"  . G   A 1 10 ? 13.317  1.395   2.641   1.00 0.00 ? 26 G   A "C3'"  1 
ATOM   297 O "O3'"  . G   A 1 10 ? 14.028  2.170   3.603   1.00 0.00 ? 26 G   A "O3'"  1 
ATOM   298 C "C2'"  . G   A 1 10 ? 13.573  1.864   1.214   1.00 0.00 ? 26 G   A "C2'"  1 
ATOM   299 O "O2'"  . G   A 1 10 ? 14.933  2.195   0.996   1.00 0.00 ? 26 G   A "O2'"  1 
ATOM   300 C "C1'"  . G   A 1 10 ? 13.227  0.597   0.435   1.00 0.00 ? 26 G   A "C1'"  1 
ATOM   301 N N9     . G   A 1 10 ? 11.813  0.494   0.078   1.00 0.00 ? 26 G   A N9     1 
ATOM   302 C C8     . G   A 1 10 ? 10.848  -0.250  0.714   1.00 0.00 ? 26 G   A C8     1 
ATOM   303 N N7     . G   A 1 10 ? 9.672   -0.147  0.165   1.00 0.00 ? 26 G   A N7     1 
ATOM   304 C C5     . G   A 1 10 ? 9.865   0.718   -0.901  1.00 0.00 ? 26 G   A C5     1 
ATOM   305 C C6     . G   A 1 10 ? 8.945   1.208   -1.868  1.00 0.00 ? 26 G   A C6     1 
ATOM   306 O O6     . G   A 1 10 ? 7.739   0.961   -1.970  1.00 0.00 ? 26 G   A O6     1 
ATOM   307 N N1     . G   A 1 10 ? 9.555   2.073   -2.782  1.00 0.00 ? 26 G   A N1     1 
ATOM   308 C C2     . G   A 1 10 ? 10.892  2.415   -2.757  1.00 0.00 ? 26 G   A C2     1 
ATOM   309 N N2     . G   A 1 10 ? 11.301  3.260   -3.713  1.00 0.00 ? 26 G   A N2     1 
ATOM   310 N N3     . G   A 1 10 ? 11.759  1.962   -1.861  1.00 0.00 ? 26 G   A N3     1 
ATOM   311 C C4     . G   A 1 10 ? 11.184  1.124   -0.968  1.00 0.00 ? 26 G   A C4     1 
ATOM   312 H "H5'"  . G   A 1 10 ? 13.245  -0.555  4.605   1.00 0.00 ? 26 G   A "H5'"  1 
ATOM   313 H "H5''" . G   A 1 10 ? 12.105  -1.072  3.350   1.00 0.00 ? 26 G   A "H5''" 1 
ATOM   314 H "H4'"  . G   A 1 10 ? 14.880  -0.002  2.865   1.00 0.00 ? 26 G   A "H4'"  1 
ATOM   315 H "H3'"  . G   A 1 10 ? 12.266  1.451   2.921   1.00 0.00 ? 26 G   A "H3'"  1 
ATOM   316 H "H2'"  . G   A 1 10 ? 12.898  2.680   0.956   1.00 0.00 ? 26 G   A "H2'"  1 
ATOM   317 H "HO2'" . G   A 1 10 ? 14.968  3.127   0.781   1.00 0.00 ? 26 G   A "HO2'" 1 
ATOM   318 H "H1'"  . G   A 1 10 ? 13.815  0.504   -0.478  1.00 0.00 ? 26 G   A "H1'"  1 
ATOM   319 H H8     . G   A 1 10 ? 11.045  -0.857  1.585   1.00 0.00 ? 26 G   A H8     1 
ATOM   320 H H1     . G   A 1 10 ? 8.979   2.473   -3.508  1.00 0.00 ? 26 G   A H1     1 
ATOM   321 H H21    . G   A 1 10 ? 10.643  3.607   -4.397  1.00 0.00 ? 26 G   A H21    1 
ATOM   322 H H22    . G   A 1 10 ? 12.268  3.551   -3.750  1.00 0.00 ? 26 G   A H22    1 
ATOM   323 P P      . A   A 1 11 ? 13.516  3.644   3.995   1.00 0.00 ? 27 A   A P      1 
ATOM   324 O OP1    . A   A 1 11 ? 14.597  4.293   4.780   1.00 0.00 ? 27 A   A OP1    1 
ATOM   325 O OP2    . A   A 1 11 ? 12.158  3.525   4.580   1.00 0.00 ? 27 A   A OP2    1 
ATOM   326 O "O5'"  . A   A 1 11 ? 13.400  4.399   2.596   1.00 0.00 ? 27 A   A "O5'"  1 
ATOM   327 C "C5'"  . A   A 1 11 ? 12.389  5.377   2.366   1.00 0.00 ? 27 A   A "C5'"  1 
ATOM   328 C "C4'"  . A   A 1 11 ? 12.504  5.915   0.958   1.00 0.00 ? 27 A   A "C4'"  1 
ATOM   329 O "O4'"  . A   A 1 11 ? 12.225  4.846   0.012   1.00 0.00 ? 27 A   A "O4'"  1 
ATOM   330 C "C3'"  . A   A 1 11 ? 11.517  7.018   0.598   1.00 0.00 ? 27 A   A "C3'"  1 
ATOM   331 O "O3'"  . A   A 1 11 ? 12.026  8.301   0.955   1.00 0.00 ? 27 A   A "O3'"  1 
ATOM   332 C "C2'"  . A   A 1 11 ? 11.375  6.852   -0.909  1.00 0.00 ? 27 A   A "C2'"  1 
ATOM   333 O "O2'"  . A   A 1 11 ? 12.483  7.384   -1.613  1.00 0.00 ? 27 A   A "O2'"  1 
ATOM   334 C "C1'"  . A   A 1 11 ? 11.382  5.329   -1.021  1.00 0.00 ? 27 A   A "C1'"  1 
ATOM   335 N N9     . A   A 1 11 ? 10.057  4.720   -0.862  1.00 0.00 ? 27 A   A N9     1 
ATOM   336 C C8     . A   A 1 11 ? 9.614   3.932   0.173   1.00 0.00 ? 27 A   A C8     1 
ATOM   337 N N7     . A   A 1 11 ? 8.373   3.532   0.041   1.00 0.00 ? 27 A   A N7     1 
ATOM   338 C C5     . A   A 1 11 ? 7.967   4.091   -1.160  1.00 0.00 ? 27 A   A C5     1 
ATOM   339 C C6     . A   A 1 11 ? 6.749   4.040   -1.868  1.00 0.00 ? 27 A   A C6     1 
ATOM   340 N N6     . A   A 1 11 ? 5.675   3.372   -1.441  1.00 0.00 ? 27 A   A N6     1 
ATOM   341 N N1     . A   A 1 11 ? 6.671   4.708   -3.045  1.00 0.00 ? 27 A   A N1     1 
ATOM   342 C C2     . A   A 1 11 ? 7.751   5.381   -3.476  1.00 0.00 ? 27 A   A C2     1 
ATOM   343 N N3     . A   A 1 11 ? 8.951   5.504   -2.900  1.00 0.00 ? 27 A   A N3     1 
ATOM   344 C C4     . A   A 1 11 ? 8.994   4.827   -1.732  1.00 0.00 ? 27 A   A C4     1 
ATOM   345 H "H5'"  . A   A 1 11 ? 12.503  6.198   3.074   1.00 0.00 ? 27 A   A "H5'"  1 
ATOM   346 H "H5''" . A   A 1 11 ? 11.405  4.930   2.496   1.00 0.00 ? 27 A   A "H5''" 1 
ATOM   347 H "H4'"  . A   A 1 11 ? 13.502  6.340   0.850   1.00 0.00 ? 27 A   A "H4'"  1 
ATOM   348 H "H3'"  . A   A 1 11 ? 10.571  6.904   1.126   1.00 0.00 ? 27 A   A "H3'"  1 
ATOM   349 H "H2'"  . A   A 1 11 ? 10.425  7.268   -1.248  1.00 0.00 ? 27 A   A "H2'"  1 
ATOM   350 H "HO2'" . A   A 1 11 ? 12.143  8.036   -2.227  1.00 0.00 ? 27 A   A "HO2'" 1 
ATOM   351 H "H1'"  . A   A 1 11 ? 11.803  4.985   -1.967  1.00 0.00 ? 27 A   A "H1'"  1 
ATOM   352 H H8     . A   A 1 11 ? 10.232  3.662   1.016   1.00 0.00 ? 27 A   A H8     1 
ATOM   353 H H61    . A   A 1 11 ? 4.829   3.371   -1.992  1.00 0.00 ? 27 A   A H61    1 
ATOM   354 H H62    . A   A 1 11 ? 5.709   2.866   -0.567  1.00 0.00 ? 27 A   A H62    1 
ATOM   355 H H2     . A   A 1 11 ? 7.632   5.897   -4.429  1.00 0.00 ? 27 A   A H2     1 
ATOM   356 P P      . G   A 1 12 ? 11.031  9.459   1.468   1.00 0.00 ? 28 G   A P      1 
ATOM   357 O OP1    . G   A 1 12 ? 11.872  10.556  2.011   1.00 0.00 ? 28 G   A OP1    1 
ATOM   358 O OP2    . G   A 1 12 ? 9.989   8.840   2.328   1.00 0.00 ? 28 G   A OP2    1 
ATOM   359 O "O5'"  . G   A 1 12 ? 10.330  9.986   0.136   1.00 0.00 ? 28 G   A "O5'"  1 
ATOM   360 C "C5'"  . G   A 1 12 ? 11.090  10.607  -0.898  1.00 0.00 ? 28 G   A "C5'"  1 
ATOM   361 C "C4'"  . G   A 1 12 ? 10.328  10.571  -2.201  1.00 0.00 ? 28 G   A "C4'"  1 
ATOM   362 O "O4'"  . G   A 1 12 ? 9.945   9.201   -2.491  1.00 0.00 ? 28 G   A "O4'"  1 
ATOM   363 C "C3'"  . G   A 1 12 ? 9.019   11.342  -2.216  1.00 0.00 ? 28 G   A "C3'"  1 
ATOM   364 O "O3'"  . G   A 1 12 ? 9.235   12.717  -2.521  1.00 0.00 ? 28 G   A "O3'"  1 
ATOM   365 C "C2'"  . G   A 1 12 ? 8.231   10.632  -3.311  1.00 0.00 ? 28 G   A "C2'"  1 
ATOM   366 O "O2'"  . G   A 1 12 ? 8.625   11.044  -4.607  1.00 0.00 ? 28 G   A "O2'"  1 
ATOM   367 C "C1'"  . G   A 1 12 ? 8.658   9.180   -3.089  1.00 0.00 ? 28 G   A "C1'"  1 
ATOM   368 N N9     . G   A 1 12 ? 7.746   8.431   -2.222  1.00 0.00 ? 28 G   A N9     1 
ATOM   369 C C8     . G   A 1 12 ? 7.966   8.026   -0.927  1.00 0.00 ? 28 G   A C8     1 
ATOM   370 N N7     . G   A 1 12 ? 6.965   7.367   -0.413  1.00 0.00 ? 28 G   A N7     1 
ATOM   371 C C5     . G   A 1 12 ? 6.021   7.335   -1.429  1.00 0.00 ? 28 G   A C5     1 
ATOM   372 C C6     . G   A 1 12 ? 4.723   6.754   -1.464  1.00 0.00 ? 28 G   A C6     1 
ATOM   373 O O6     . G   A 1 12 ? 4.138   6.134   -0.568  1.00 0.00 ? 28 G   A O6     1 
ATOM   374 N N1     . G   A 1 12 ? 4.091   6.949   -2.696  1.00 0.00 ? 28 G   A N1     1 
ATOM   375 C C2     . G   A 1 12 ? 4.655   7.625   -3.759  1.00 0.00 ? 28 G   A C2     1 
ATOM   376 N N2     . G   A 1 12 ? 3.902   7.720   -4.864  1.00 0.00 ? 28 G   A N2     1 
ATOM   377 N N3     . G   A 1 12 ? 5.865   8.169   -3.739  1.00 0.00 ? 28 G   A N3     1 
ATOM   378 C C4     . G   A 1 12 ? 6.487   7.987   -2.552  1.00 0.00 ? 28 G   A C4     1 
ATOM   379 H "H5'"  . G   A 1 12 ? 12.039  10.083  -1.023  1.00 0.00 ? 28 G   A "H5'"  1 
ATOM   380 H "H5''" . G   A 1 12 ? 11.293  11.645  -0.635  1.00 0.00 ? 28 G   A "H5''" 1 
ATOM   381 H "H4'"  . G   A 1 12 ? 10.965  11.015  -2.967  1.00 0.00 ? 28 G   A "H4'"  1 
ATOM   382 H "H3'"  . G   A 1 12 ? 8.518   11.315  -1.248  1.00 0.00 ? 28 G   A "H3'"  1 
ATOM   383 H "H2'"  . G   A 1 12 ? 7.161   10.755  -3.143  1.00 0.00 ? 28 G   A "H2'"  1 
ATOM   384 H "HO2'" . G   A 1 12 ? 9.353   11.656  -4.502  1.00 0.00 ? 28 G   A "HO2'" 1 
ATOM   385 H "H1'"  . G   A 1 12 ? 8.755   8.634   -4.028  1.00 0.00 ? 28 G   A "H1'"  1 
ATOM   386 H H8     . G   A 1 12 ? 8.877   8.235   -0.387  1.00 0.00 ? 28 G   A H8     1 
ATOM   387 H H1     . G   A 1 12 ? 3.164   6.570   -2.816  1.00 0.00 ? 28 G   A H1     1 
ATOM   388 H H21    . G   A 1 12 ? 2.979   7.310   -4.883  1.00 0.00 ? 28 G   A H21    1 
ATOM   389 H H22    . G   A 1 12 ? 4.255   8.204   -5.677  1.00 0.00 ? 28 G   A H22    1 
ATOM   390 P P      . C   A 1 13 ? 8.262   13.846  -1.915  1.00 0.00 ? 29 C   A P      1 
ATOM   391 O OP1    . C   A 1 13 ? 8.786   15.175  -2.317  1.00 0.00 ? 29 C   A OP1    1 
ATOM   392 O OP2    . C   A 1 13 ? 8.066   13.544  -0.473  1.00 0.00 ? 29 C   A OP2    1 
ATOM   393 O "O5'"  . C   A 1 13 ? 6.876   13.606  -2.663  1.00 0.00 ? 29 C   A "O5'"  1 
ATOM   394 C "C5'"  . C   A 1 13 ? 6.745   13.851  -4.060  1.00 0.00 ? 29 C   A "C5'"  1 
ATOM   395 C "C4'"  . C   A 1 13 ? 5.504   13.176  -4.601  1.00 0.00 ? 29 C   A "C4'"  1 
ATOM   396 O "O4'"  . C   A 1 13 ? 5.527   11.771  -4.246  1.00 0.00 ? 29 C   A "O4'"  1 
ATOM   397 C "C3'"  . C   A 1 13 ? 4.185   13.680  -4.041  1.00 0.00 ? 29 C   A "C3'"  1 
ATOM   398 O "O3'"  . C   A 1 13 ? 3.746   14.840  -4.741  1.00 0.00 ? 29 C   A "O3'"  1 
ATOM   399 C "C2'"  . C   A 1 13 ? 3.255   12.490  -4.261  1.00 0.00 ? 29 C   A "C2'"  1 
ATOM   400 O "O2'"  . C   A 1 13 ? 2.768   12.432  -5.589  1.00 0.00 ? 29 C   A "O2'"  1 
ATOM   401 C "C1'"  . C   A 1 13 ? 4.203   11.309  -4.022  1.00 0.00 ? 29 C   A "C1'"  1 
ATOM   402 N N1     . C   A 1 13 ? 4.114   10.737  -2.660  1.00 0.00 ? 29 C   A N1     1 
ATOM   403 C C2     . C   A 1 13 ? 3.047   9.878   -2.355  1.00 0.00 ? 29 C   A C2     1 
ATOM   404 O O2     . C   A 1 13 ? 2.201   9.631   -3.230  1.00 0.00 ? 29 C   A O2     1 
ATOM   405 N N3     . C   A 1 13 ? 2.965   9.339   -1.114  1.00 0.00 ? 29 C   A N3     1 
ATOM   406 C C4     . C   A 1 13 ? 3.893   9.628   -0.195  1.00 0.00 ? 29 C   A C4     1 
ATOM   407 N N4     . C   A 1 13 ? 3.776   9.069   1.013   1.00 0.00 ? 29 C   A N4     1 
ATOM   408 C C5     . C   A 1 13 ? 4.986   10.503  -0.471  1.00 0.00 ? 29 C   A C5     1 
ATOM   409 C C6     . C   A 1 13 ? 5.057   11.031  -1.703  1.00 0.00 ? 29 C   A C6     1 
ATOM   410 H "H5'"  . C   A 1 13 ? 7.620   13.465  -4.585  1.00 0.00 ? 29 C   A "H5'"  1 
ATOM   411 H "H5''" . C   A 1 13 ? 6.671   14.923  -4.240  1.00 0.00 ? 29 C   A "H5''" 1 
ATOM   412 H "H4'"  . C   A 1 13 ? 5.476   13.353  -5.677  1.00 0.00 ? 29 C   A "H4'"  1 
ATOM   413 H "H3'"  . C   A 1 13 ? 4.270   13.966  -2.993  1.00 0.00 ? 29 C   A "H3'"  1 
ATOM   414 H "H2'"  . C   A 1 13 ? 2.447   12.501  -3.525  1.00 0.00 ? 29 C   A "H2'"  1 
ATOM   415 H "HO2'" . C   A 1 13 ? 3.456   12.775  -6.161  1.00 0.00 ? 29 C   A "HO2'" 1 
ATOM   416 H "H1'"  . C   A 1 13 ? 4.032   10.501  -4.735  1.00 0.00 ? 29 C   A "H1'"  1 
ATOM   417 H H41    . C   A 1 13 ? 3.003   8.451   1.211   1.00 0.00 ? 29 C   A H41    1 
ATOM   418 H H42    . C   A 1 13 ? 4.462   9.265   1.727   1.00 0.00 ? 29 C   A H42    1 
ATOM   419 H H5     . C   A 1 13 ? 5.732   10.734  0.288   1.00 0.00 ? 29 C   A H5     1 
ATOM   420 H H6     . C   A 1 13 ? 5.873   11.706  -1.943  1.00 0.00 ? 29 C   A H6     1 
ATOM   421 P P      . C   A 1 14 ? 2.650   15.817  -4.083  1.00 0.00 ? 30 C   A P      1 
ATOM   422 O OP1    . C   A 1 14 ? 2.323   16.878  -5.069  1.00 0.00 ? 30 C   A OP1    1 
ATOM   423 O OP2    . C   A 1 14 ? 3.142   16.198  -2.735  1.00 0.00 ? 30 C   A OP2    1 
ATOM   424 O "O5'"  . C   A 1 14 ? 1.368   14.891  -3.899  1.00 0.00 ? 30 C   A "O5'"  1 
ATOM   425 C "C5'"  . C   A 1 14 ? 0.522   14.571  -5.001  1.00 0.00 ? 30 C   A "C5'"  1 
ATOM   426 C "C4'"  . C   A 1 14 ? -0.661  13.764  -4.524  1.00 0.00 ? 30 C   A "C4'"  1 
ATOM   427 O "O4'"  . C   A 1 14 ? -0.191  12.731  -3.609  1.00 0.00 ? 30 C   A "O4'"  1 
ATOM   428 C "C3'"  . C   A 1 14 ? -1.708  14.560  -3.744  1.00 0.00 ? 30 C   A "C3'"  1 
ATOM   429 O "O3'"  . C   A 1 14 ? -3.031  14.158  -4.085  1.00 0.00 ? 30 C   A "O3'"  1 
ATOM   430 C "C2'"  . C   A 1 14 ? -1.379  14.253  -2.286  1.00 0.00 ? 30 C   A "C2'"  1 
ATOM   431 O "O2'"  . C   A 1 14 ? -2.521  14.312  -1.455  1.00 0.00 ? 30 C   A "O2'"  1 
ATOM   432 C "C1'"  . C   A 1 14 ? -0.917  12.811  -2.401  1.00 0.00 ? 30 C   A "C1'"  1 
ATOM   433 N N1     . C   A 1 14 ? -0.053  12.381  -1.284  1.00 0.00 ? 30 C   A N1     1 
ATOM   434 C C2     . C   A 1 14 ? -0.524  11.401  -0.394  1.00 0.00 ? 30 C   A C2     1 
ATOM   435 O O2     . C   A 1 14 ? -1.646  10.907  -0.576  1.00 0.00 ? 30 C   A O2     1 
ATOM   436 N N3     . C   A 1 14 ? 0.262   11.017  0.642   1.00 0.00 ? 30 C   A N3     1 
ATOM   437 C C4     . C   A 1 14 ? 1.468   11.569  0.809   1.00 0.00 ? 30 C   A C4     1 
ATOM   438 N N4     . C   A 1 14 ? 2.197   11.166  1.852   1.00 0.00 ? 30 C   A N4     1 
ATOM   439 C C5     . C   A 1 14 ? 1.978   12.560  -0.083  1.00 0.00 ? 30 C   A C5     1 
ATOM   440 C C6     . C   A 1 14 ? 1.192   12.932  -1.105  1.00 0.00 ? 30 C   A C6     1 
ATOM   441 H "H5'"  . C   A 1 14 ? 1.077   13.994  -5.742  1.00 0.00 ? 30 C   A "H5'"  1 
ATOM   442 H "H5''" . C   A 1 14 ? 0.160   15.487  -5.466  1.00 0.00 ? 30 C   A "H5''" 1 
ATOM   443 H "H4'"  . C   A 1 14 ? -1.165  13.368  -5.407  1.00 0.00 ? 30 C   A "H4'"  1 
ATOM   444 H "H3'"  . C   A 1 14 ? -1.647  15.623  -3.969  1.00 0.00 ? 30 C   A "H3'"  1 
ATOM   445 H "H2'"  . C   A 1 14 ? -0.572  14.897  -1.935  1.00 0.00 ? 30 C   A "H2'"  1 
ATOM   446 H "HO2'" . C   A 1 14 ? -3.012  13.501  -1.589  1.00 0.00 ? 30 C   A "HO2'" 1 
ATOM   447 H "H1'"  . C   A 1 14 ? -1.751  12.118  -2.482  1.00 0.00 ? 30 C   A "H1'"  1 
ATOM   448 H H41    . C   A 1 14 ? 1.832   10.467  2.482   1.00 0.00 ? 30 C   A H41    1 
ATOM   449 H H42    . C   A 1 14 ? 3.112   11.561  2.011   1.00 0.00 ? 30 C   A H42    1 
ATOM   450 H H5     . C   A 1 14 ? 2.966   12.996  0.060   1.00 0.00 ? 30 C   A H5     1 
ATOM   451 H H6     . C   A 1 14 ? 1.553   13.686  -1.806  1.00 0.00 ? 30 C   A H6     1 
ATOM   452 P P      . U   A 1 15 ? -3.971  15.135  -4.955  1.00 0.00 ? 31 U   A P      1 
ATOM   453 O OP1    . U   A 1 15 ? -5.377  14.706  -4.744  1.00 0.00 ? 31 U   A OP1    1 
ATOM   454 O OP2    . U   A 1 15 ? -3.425  15.199  -6.334  1.00 0.00 ? 31 U   A OP2    1 
ATOM   455 O "O5'"  . U   A 1 15 ? -3.783  16.567  -4.276  1.00 0.00 ? 31 U   A "O5'"  1 
ATOM   456 C "C5'"  . U   A 1 15 ? -4.121  16.784  -2.908  1.00 0.00 ? 31 U   A "C5'"  1 
ATOM   457 C "C4'"  . U   A 1 15 ? -3.128  17.727  -2.258  1.00 0.00 ? 31 U   A "C4'"  1 
ATOM   458 O "O4'"  . U   A 1 15 ? -1.854  17.650  -2.967  1.00 0.00 ? 31 U   A "O4'"  1 
ATOM   459 C "C3'"  . U   A 1 15 ? -3.522  19.208  -2.280  1.00 0.00 ? 31 U   A "C3'"  1 
ATOM   460 O "O3'"  . U   A 1 15 ? -3.213  19.830  -1.027  1.00 0.00 ? 31 U   A "O3'"  1 
ATOM   461 C "C2'"  . U   A 1 15 ? -2.706  19.774  -3.445  1.00 0.00 ? 31 U   A "C2'"  1 
ATOM   462 O "O2'"  . U   A 1 15 ? -2.391  21.143  -3.282  1.00 0.00 ? 31 U   A "O2'"  1 
ATOM   463 C "C1'"  . U   A 1 15 ? -1.438  18.950  -3.324  1.00 0.00 ? 31 U   A "C1'"  1 
ATOM   464 N N1     . U   A 1 15 ? -0.654  18.882  -4.574  1.00 0.00 ? 31 U   A N1     1 
ATOM   465 C C2     . U   A 1 15 ? 0.468   19.697  -4.681  1.00 0.00 ? 31 U   A C2     1 
ATOM   466 O O2     . U   A 1 15 ? 0.829   20.452  -3.794  1.00 0.00 ? 31 U   A O2     1 
ATOM   467 N N3     . U   A 1 15 ? 1.152   19.592  -5.872  1.00 0.00 ? 31 U   A N3     1 
ATOM   468 C C4     . U   A 1 15 ? 0.837   18.773  -6.941  1.00 0.00 ? 31 U   A C4     1 
ATOM   469 O O4     . U   A 1 15 ? 1.549   18.792  -7.948  1.00 0.00 ? 31 U   A O4     1 
ATOM   470 C C5     . U   A 1 15 ? -0.330  17.963  -6.752  1.00 0.00 ? 31 U   A C5     1 
ATOM   471 C C6     . U   A 1 15 ? -1.023  18.040  -5.606  1.00 0.00 ? 31 U   A C6     1 
ATOM   472 H "H5'"  . U   A 1 15 ? -4.118  15.835  -2.371  1.00 0.00 ? 31 U   A "H5'"  1 
ATOM   473 H "H5''" . U   A 1 15 ? -5.117  17.220  -2.843  1.00 0.00 ? 31 U   A "H5''" 1 
ATOM   474 H "H4'"  . U   A 1 15 ? -3.055  17.442  -1.208  1.00 0.00 ? 31 U   A "H4'"  1 
ATOM   475 H "H3'"  . U   A 1 15 ? -4.588  19.328  -2.422  1.00 0.00 ? 31 U   A "H3'"  1 
ATOM   476 H "H2'"  . U   A 1 15 ? -3.211  19.575  -4.390  1.00 0.00 ? 31 U   A "H2'"  1 
ATOM   477 H "HO2'" . U   A 1 15 ? -1.698  21.352  -3.908  1.00 0.00 ? 31 U   A "HO2'" 1 
ATOM   478 H "H1'"  . U   A 1 15 ? -0.788  19.308  -2.528  1.00 0.00 ? 31 U   A "H1'"  1 
ATOM   479 H H3     . U   A 1 15 ? 1.968   20.178  -5.978  1.00 0.00 ? 31 U   A H3     1 
ATOM   480 H H5     . U   A 1 15 ? -0.652  17.282  -7.539  1.00 0.00 ? 31 U   A H5     1 
ATOM   481 H H6     . U   A 1 15 ? -1.910  17.420  -5.488  1.00 0.00 ? 31 U   A H6     1 
ATOM   482 P P      . G   A 1 16 ? -3.740  21.315  -0.655  1.00 0.00 ? 32 G   A P      1 
ATOM   483 O OP1    . G   A 1 16 ? -2.683  22.281  -1.046  1.00 0.00 ? 32 G   A OP1    1 
ATOM   484 O OP2    . G   A 1 16 ? -4.190  21.290  0.760   1.00 0.00 ? 32 G   A OP2    1 
ATOM   485 O "O5'"  . G   A 1 16 ? -5.018  21.577  -1.597  1.00 0.00 ? 32 G   A "O5'"  1 
ATOM   486 C "C5'"  . G   A 1 16 ? -6.231  20.789  -1.597  1.00 0.00 ? 32 G   A "C5'"  1 
ATOM   487 C "C4'"  . G   A 1 16 ? -6.452  20.028  -0.298  1.00 0.00 ? 32 G   A "C4'"  1 
ATOM   488 O "O4'"  . G   A 1 16 ? -7.340  20.802  0.547   1.00 0.00 ? 32 G   A "O4'"  1 
ATOM   489 C "C3'"  . G   A 1 16 ? -7.157  18.690  -0.438  1.00 0.00 ? 32 G   A "C3'"  1 
ATOM   490 O "O3'"  . G   A 1 16 ? -6.914  17.857  0.694   1.00 0.00 ? 32 G   A "O3'"  1 
ATOM   491 C "C2'"  . G   A 1 16 ? -8.623  19.098  -0.527  1.00 0.00 ? 32 G   A "C2'"  1 
ATOM   492 O "O2'"  . G   A 1 16 ? -9.488  18.086  -0.045  1.00 0.00 ? 32 G   A "O2'"  1 
ATOM   493 C "C1'"  . G   A 1 16 ? -8.663  20.297  0.430   1.00 0.00 ? 32 G   A "C1'"  1 
ATOM   494 N N9     . G   A 1 16 ? -9.532  21.383  -0.023  1.00 0.00 ? 32 G   A N9     1 
ATOM   495 C C8     . G   A 1 16 ? -9.671  21.858  -1.305  1.00 0.00 ? 32 G   A C8     1 
ATOM   496 N N7     . G   A 1 16 ? -10.526 22.838  -1.404  1.00 0.00 ? 32 G   A N7     1 
ATOM   497 C C5     . G   A 1 16 ? -10.984 23.025  -0.108  1.00 0.00 ? 32 G   A C5     1 
ATOM   498 C C6     . G   A 1 16 ? -11.932 23.951  0.411   1.00 0.00 ? 32 G   A C6     1 
ATOM   499 O O6     . G   A 1 16 ? -12.570 24.817  -0.201  1.00 0.00 ? 32 G   A O6     1 
ATOM   500 N N1     . G   A 1 16 ? -12.110 23.805  1.789   1.00 0.00 ? 32 G   A N1     1 
ATOM   501 C C2     . G   A 1 16 ? -11.449 22.874  2.565   1.00 0.00 ? 32 G   A C2     1 
ATOM   502 N N2     . G   A 1 16 ? -11.747 22.877  3.872   1.00 0.00 ? 32 G   A N2     1 
ATOM   503 N N3     . G   A 1 16 ? -10.564 22.005  2.092   1.00 0.00 ? 32 G   A N3     1 
ATOM   504 C C4     . G   A 1 16 ? -10.381 22.134  0.758   1.00 0.00 ? 32 G   A C4     1 
ATOM   505 H "H5'"  . G   A 1 16 ? -6.205  20.081  -2.426  1.00 0.00 ? 32 G   A "H5'"  1 
ATOM   506 H "H5''" . G   A 1 16 ? -7.080  21.452  -1.748  1.00 0.00 ? 32 G   A "H5''" 1 
ATOM   507 H "H4'"  . G   A 1 16 ? -5.488  19.821  0.149   1.00 0.00 ? 32 G   A "H4'"  1 
ATOM   508 H "H3'"  . G   A 1 16 ? -6.815  18.133  -1.309  1.00 0.00 ? 32 G   A "H3'"  1 
ATOM   509 H "H2'"  . G   A 1 16 ? -8.867  19.400  -1.547  1.00 0.00 ? 32 G   A "H2'"  1 
ATOM   510 H "HO2'" . G   A 1 16 ? -8.996  17.573  0.596   1.00 0.00 ? 32 G   A "HO2'" 1 
ATOM   511 H "H1'"  . G   A 1 16 ? -8.980  20.007  1.430   1.00 0.00 ? 32 G   A "H1'"  1 
ATOM   512 H H8     . G   A 1 16 ? -9.128  21.460  -2.148  1.00 0.00 ? 32 G   A H8     1 
ATOM   513 H H1     . G   A 1 16 ? -12.765 24.422  2.248   1.00 0.00 ? 32 G   A H1     1 
ATOM   514 H H21    . G   A 1 16 ? -12.418 23.537  4.236   1.00 0.00 ? 32 G   A H21    1 
ATOM   515 H H22    . G   A 1 16 ? -11.297 22.220  4.493   1.00 0.00 ? 32 G   A H22    1 
ATOM   516 P P      . G   A 1 17 ? -5.592  16.942  0.760   1.00 0.00 ? 33 G   A P      1 
ATOM   517 O OP1    . G   A 1 17 ? -4.404  17.833  0.715   1.00 0.00 ? 33 G   A OP1    1 
ATOM   518 O OP2    . G   A 1 17 ? -5.744  15.868  -0.253  1.00 0.00 ? 33 G   A OP2    1 
ATOM   519 O "O5'"  . G   A 1 17 ? -5.665  16.271  2.206   1.00 0.00 ? 33 G   A "O5'"  1 
ATOM   520 C "C5'"  . G   A 1 17 ? -4.755  16.642  3.242   1.00 0.00 ? 33 G   A "C5'"  1 
ATOM   521 C "C4'"  . G   A 1 17 ? -5.312  16.258  4.595   1.00 0.00 ? 33 G   A "C4'"  1 
ATOM   522 O "O4'"  . G   A 1 17 ? -6.222  17.305  5.035   1.00 0.00 ? 33 G   A "O4'"  1 
ATOM   523 C "C3'"  . G   A 1 17 ? -6.129  14.965  4.629   1.00 0.00 ? 33 G   A "C3'"  1 
ATOM   524 O "O3'"  . G   A 1 17 ? -5.933  14.263  5.857   1.00 0.00 ? 33 G   A "O3'"  1 
ATOM   525 C "C2'"  . G   A 1 17 ? -7.568  15.452  4.479   1.00 0.00 ? 33 G   A "C2'"  1 
ATOM   526 O "O2'"  . G   A 1 17 ? -8.499  14.590  5.105   1.00 0.00 ? 33 G   A "O2'"  1 
ATOM   527 C "C1'"  . G   A 1 17 ? -7.510  16.765  5.245   1.00 0.00 ? 33 G   A "C1'"  1 
ATOM   528 N N9     . G   A 1 17 ? -8.507  17.738  4.804   1.00 0.00 ? 33 G   A N9     1 
ATOM   529 C C8     . G   A 1 17 ? -8.330  18.772  3.916   1.00 0.00 ? 33 G   A C8     1 
ATOM   530 N N7     . G   A 1 17 ? -9.414  19.471  3.715   1.00 0.00 ? 33 G   A N7     1 
ATOM   531 C C5     . G   A 1 17 ? -10.366 18.864  4.521   1.00 0.00 ? 33 G   A C5     1 
ATOM   532 C C6     . G   A 1 17 ? -11.740 19.177  4.725   1.00 0.00 ? 33 G   A C6     1 
ATOM   533 O O6     . G   A 1 17 ? -12.403 20.087  4.213   1.00 0.00 ? 33 G   A O6     1 
ATOM   534 N N1     . G   A 1 17 ? -12.349 18.303  5.632   1.00 0.00 ? 33 G   A N1     1 
ATOM   535 C C2     . G   A 1 17 ? -11.703 17.257  6.258   1.00 0.00 ? 33 G   A C2     1 
ATOM   536 N N2     . G   A 1 17 ? -12.442 16.520  7.099   1.00 0.00 ? 33 G   A N2     1 
ATOM   537 N N3     . G   A 1 17 ? -10.424 16.956  6.074   1.00 0.00 ? 33 G   A N3     1 
ATOM   538 C C4     . G   A 1 17 ? -9.822  17.793  5.201   1.00 0.00 ? 33 G   A C4     1 
ATOM   539 H "H5'"  . G   A 1 17 ? -4.588  17.721  3.217   1.00 0.00 ? 33 G   A "H5'"  1 
ATOM   540 H "H5''" . G   A 1 17 ? -3.802  16.134  3.094   1.00 0.00 ? 33 G   A "H5''" 1 
ATOM   541 H "H4'"  . G   A 1 17 ? -4.465  16.111  5.266   1.00 0.00 ? 33 G   A "H4'"  1 
ATOM   542 H "H3'"  . G   A 1 17 ? -5.832  14.280  3.837   1.00 0.00 ? 33 G   A "H3'"  1 
ATOM   543 H "H2'"  . G   A 1 17 ? -7.800  15.623  3.428   1.00 0.00 ? 33 G   A "H2'"  1 
ATOM   544 H "HO2'" . G   A 1 17 ? -8.165  14.400  5.981   1.00 0.00 ? 33 G   A "HO2'" 1 
ATOM   545 H "H1'"  . G   A 1 17 ? -7.627  16.620  6.316   1.00 0.00 ? 33 G   A "H1'"  1 
ATOM   546 H H8     . G   A 1 17 ? -7.388  18.984  3.431   1.00 0.00 ? 33 G   A H8     1 
ATOM   547 H H1     . G   A 1 17 ? -13.327 18.446  5.842   1.00 0.00 ? 33 G   A H1     1 
ATOM   548 H H21    . G   A 1 17 ? -13.415 16.743  7.245   1.00 0.00 ? 33 G   A H21    1 
ATOM   549 H H22    . G   A 1 17 ? -12.025 15.740  7.587   1.00 0.00 ? 33 G   A H22    1 
ATOM   550 P P      . G   A 1 18 ? -5.816  12.655  5.867   1.00 0.00 ? 34 G   A P      1 
ATOM   551 O OP1    . G   A 1 18 ? -5.669  12.209  7.277   1.00 0.00 ? 34 G   A OP1    1 
ATOM   552 O OP2    . G   A 1 18 ? -4.780  12.275  4.871   1.00 0.00 ? 34 G   A OP2    1 
ATOM   553 O "O5'"  . G   A 1 18 ? -7.234  12.154  5.333   1.00 0.00 ? 34 G   A "O5'"  1 
ATOM   554 C "C5'"  . G   A 1 18 ? -7.521  12.078  3.935   1.00 0.00 ? 34 G   A "C5'"  1 
ATOM   555 C "C4'"  . G   A 1 18 ? -7.769  10.645  3.527   1.00 0.00 ? 34 G   A "C4'"  1 
ATOM   556 O "O4'"  . G   A 1 18 ? -7.692  10.553  2.076   1.00 0.00 ? 34 G   A "O4'"  1 
ATOM   557 C "C3'"  . G   A 1 18 ? -6.751  9.628   4.045   1.00 0.00 ? 34 G   A "C3'"  1 
ATOM   558 O "O3'"  . G   A 1 18 ? -7.361  8.359   4.270   1.00 0.00 ? 34 G   A "O3'"  1 
ATOM   559 C "C2'"  . G   A 1 18 ? -5.730  9.565   2.917   1.00 0.00 ? 34 G   A "C2'"  1 
ATOM   560 O "O2'"  . G   A 1 18 ? -5.041  8.328   2.883   1.00 0.00 ? 34 G   A "O2'"  1 
ATOM   561 C "C1'"  . G   A 1 18 ? -6.651  9.671   1.708   1.00 0.00 ? 34 G   A "C1'"  1 
ATOM   562 N N9     . G   A 1 18 ? -6.001  10.191  0.505   1.00 0.00 ? 34 G   A N9     1 
ATOM   563 C C8     . G   A 1 18 ? -4.656  10.199  0.222   1.00 0.00 ? 34 G   A C8     1 
ATOM   564 N N7     . G   A 1 18 ? -4.373  10.732  -0.934  1.00 0.00 ? 34 G   A N7     1 
ATOM   565 C C5     . G   A 1 18 ? -5.606  11.102  -1.450  1.00 0.00 ? 34 G   A C5     1 
ATOM   566 C C6     . G   A 1 18 ? -5.938  11.734  -2.682  1.00 0.00 ? 34 G   A C6     1 
ATOM   567 O O6     . G   A 1 18 ? -5.175  12.100  -3.585  1.00 0.00 ? 34 G   A O6     1 
ATOM   568 N N1     . G   A 1 18 ? -7.315  11.933  -2.816  1.00 0.00 ? 34 G   A N1     1 
ATOM   569 C C2     . G   A 1 18 ? -8.250  11.563  -1.871  1.00 0.00 ? 34 G   A C2     1 
ATOM   570 N N2     . G   A 1 18 ? -9.529  11.833  -2.167  1.00 0.00 ? 34 G   A N2     1 
ATOM   571 N N3     . G   A 1 18 ? -7.952  10.973  -0.719  1.00 0.00 ? 34 G   A N3     1 
ATOM   572 C C4     . G   A 1 18 ? -6.622  10.774  -0.575  1.00 0.00 ? 34 G   A C4     1 
ATOM   573 H "H5'"  . G   A 1 18 ? -6.681  12.474  3.362   1.00 0.00 ? 34 G   A "H5'"  1 
ATOM   574 H "H5''" . G   A 1 18 ? -8.408  12.666  3.710   1.00 0.00 ? 34 G   A "H5''" 1 
ATOM   575 H "H4'"  . G   A 1 18 ? -8.739  10.354  3.928   1.00 0.00 ? 34 G   A "H4'"  1 
ATOM   576 H "H3'"  . G   A 1 18 ? -6.315  9.931   4.995   1.00 0.00 ? 34 G   A "H3'"  1 
ATOM   577 H "H2'"  . G   A 1 18 ? -5.053  10.420  2.971   1.00 0.00 ? 34 G   A "H2'"  1 
ATOM   578 H "HO2'" . G   A 1 18 ? -4.137  8.498   3.147   1.00 0.00 ? 34 G   A "HO2'" 1 
ATOM   579 H "H1'"  . G   A 1 18 ? -7.112  8.716   1.460   1.00 0.00 ? 34 G   A "H1'"  1 
ATOM   580 H H8     . G   A 1 18 ? -3.907  9.802   0.891   1.00 0.00 ? 34 G   A H8     1 
ATOM   581 H H1     . G   A 1 18 ? -7.648  12.376  -3.661  1.00 0.00 ? 34 G   A H1     1 
ATOM   582 H H21    . G   A 1 18 ? -9.761  12.284  -3.039  1.00 0.00 ? 34 G   A H21    1 
ATOM   583 H H22    . G   A 1 18 ? -10.261 11.588  -1.516  1.00 0.00 ? 34 G   A H22    1 
ATOM   584 P P      . A   A 1 19 ? -8.125  8.066   5.654   1.00 0.00 ? 35 A   A P      1 
ATOM   585 O OP1    . A   A 1 19 ? -9.420  8.792   5.609   1.00 0.00 ? 35 A   A OP1    1 
ATOM   586 O OP2    . A   A 1 19 ? -7.181  8.320   6.772   1.00 0.00 ? 35 A   A OP2    1 
ATOM   587 O "O5'"  . A   A 1 19 ? -8.435  6.501   5.596   1.00 0.00 ? 35 A   A "O5'"  1 
ATOM   588 C "C5'"  . A   A 1 19 ? -7.475  5.536   6.023   1.00 0.00 ? 35 A   A "C5'"  1 
ATOM   589 C "C4'"  . A   A 1 19 ? -6.615  5.100   4.857   1.00 0.00 ? 35 A   A "C4'"  1 
ATOM   590 O "O4'"  . A   A 1 19 ? -5.655  6.152   4.563   1.00 0.00 ? 35 A   A "O4'"  1 
ATOM   591 C "C3'"  . A   A 1 19 ? -5.762  3.861   5.109   1.00 0.00 ? 35 A   A "C3'"  1 
ATOM   592 O "O3'"  . A   A 1 19 ? -5.442  3.183   3.893   1.00 0.00 ? 35 A   A "O3'"  1 
ATOM   593 C "C2'"  . A   A 1 19 ? -4.518  4.458   5.754   1.00 0.00 ? 35 A   A "C2'"  1 
ATOM   594 O "O2'"  . A   A 1 19 ? -3.380  3.629   5.597   1.00 0.00 ? 35 A   A "O2'"  1 
ATOM   595 C "C1'"  . A   A 1 19 ? -4.353  5.717   4.910   1.00 0.00 ? 35 A   A "C1'"  1 
ATOM   596 N N9     . A   A 1 19 ? -3.667  6.813   5.598   1.00 0.00 ? 35 A   A N9     1 
ATOM   597 C C8     . A   A 1 19 ? -4.084  7.504   6.710   1.00 0.00 ? 35 A   A C8     1 
ATOM   598 N N7     . A   A 1 19 ? -3.252  8.442   7.094   1.00 0.00 ? 35 A   A N7     1 
ATOM   599 C C5     . A   A 1 19 ? -2.214  8.363   6.176   1.00 0.00 ? 35 A   A C5     1 
ATOM   600 C C6     . A   A 1 19 ? -1.013  9.089   6.030   1.00 0.00 ? 35 A   A C6     1 
ATOM   601 N N6     . A   A 1 19 ? -0.642  10.079  6.844   1.00 0.00 ? 35 A   A N6     1 
ATOM   602 N N1     . A   A 1 19 ? -0.193  8.758   5.001   1.00 0.00 ? 35 A   A N1     1 
ATOM   603 C C2     . A   A 1 19 ? -0.562  7.762   4.179   1.00 0.00 ? 35 A   A C2     1 
ATOM   604 N N3     . A   A 1 19 ? -1.663  7.008   4.214   1.00 0.00 ? 35 A   A N3     1 
ATOM   605 C C4     . A   A 1 19 ? -2.457  7.362   5.247   1.00 0.00 ? 35 A   A C4     1 
ATOM   606 H "H5'"  . A   A 1 19 ? -7.989  4.666   6.434   1.00 0.00 ? 35 A   A "H5'"  1 
ATOM   607 H "H5''" . A   A 1 19 ? -6.835  5.964   6.794   1.00 0.00 ? 35 A   A "H5''" 1 
ATOM   608 H "H4'"  . A   A 1 19 ? -7.280  4.870   4.025   1.00 0.00 ? 35 A   A "H4'"  1 
ATOM   609 H "H3'"  . A   A 1 19 ? -6.267  3.135   5.745   1.00 0.00 ? 35 A   A "H3'"  1 
ATOM   610 H "H2'"  . A   A 1 19 ? -4.714  4.706   6.798   1.00 0.00 ? 35 A   A "H2'"  1 
ATOM   611 H "HO2'" . A   A 1 19 ? -3.373  3.324   4.691   1.00 0.00 ? 35 A   A "HO2'" 1 
ATOM   612 H "H1'"  . A   A 1 19 ? -3.826  5.518   3.979   1.00 0.00 ? 35 A   A "H1'"  1 
ATOM   613 H H8     . A   A 1 19 ? -5.012  7.295   7.221   1.00 0.00 ? 35 A   A H8     1 
ATOM   614 H H61    . A   A 1 19 ? 0.231   10.562  6.688   1.00 0.00 ? 35 A   A H61    1 
ATOM   615 H H62    . A   A 1 19 ? -1.234  10.346  7.618   1.00 0.00 ? 35 A   A H62    1 
ATOM   616 H H2     . A   A 1 19 ? 0.135   7.538   3.371   1.00 0.00 ? 35 A   A H2     1 
ATOM   617 P P      . G   A 1 20 ? -6.592  2.505   2.992   1.00 0.00 ? 36 G   A P      1 
ATOM   618 O OP1    . G   A 1 20 ? -7.882  2.644   3.715   1.00 0.00 ? 36 G   A OP1    1 
ATOM   619 O OP2    . G   A 1 20 ? -6.125  1.157   2.582   1.00 0.00 ? 36 G   A OP2    1 
ATOM   620 O "O5'"  . G   A 1 20 ? -6.648  3.431   1.694   1.00 0.00 ? 36 G   A "O5'"  1 
ATOM   621 C "C5'"  . G   A 1 20 ? -5.498  3.603   0.867   1.00 0.00 ? 36 G   A "C5'"  1 
ATOM   622 C "C4'"  . G   A 1 20 ? -5.716  4.742   -0.104  1.00 0.00 ? 36 G   A "C4'"  1 
ATOM   623 O "O4'"  . G   A 1 20 ? -5.328  5.995   0.528   1.00 0.00 ? 36 G   A "O4'"  1 
ATOM   624 C "C3'"  . G   A 1 20 ? -4.887  4.678   -1.378  1.00 0.00 ? 36 G   A "C3'"  1 
ATOM   625 O "O3'"  . G   A 1 20 ? -5.542  3.911   -2.384  1.00 0.00 ? 36 G   A "O3'"  1 
ATOM   626 C "C2'"  . G   A 1 20 ? -4.760  6.145   -1.761  1.00 0.00 ? 36 G   A "C2'"  1 
ATOM   627 O "O2'"  . G   A 1 20 ? -5.949  6.654   -2.336  1.00 0.00 ? 36 G   A "O2'"  1 
ATOM   628 C "C1'"  . G   A 1 20 ? -4.556  6.766   -0.380  1.00 0.00 ? 36 G   A "C1'"  1 
ATOM   629 N N9     . G   A 1 20 ? -3.164  6.757   0.073   1.00 0.00 ? 36 G   A N9     1 
ATOM   630 C C8     . G   A 1 20 ? -2.671  6.181   1.219   1.00 0.00 ? 36 G   A C8     1 
ATOM   631 N N7     . G   A 1 20 ? -1.385  6.332   1.362   1.00 0.00 ? 36 G   A N7     1 
ATOM   632 C C5     . G   A 1 20 ? -0.997  7.053   0.243   1.00 0.00 ? 36 G   A C5     1 
ATOM   633 C C6     . G   A 1 20 ? 0.288   7.516   -0.155  1.00 0.00 ? 36 G   A C6     1 
ATOM   634 O O6     . G   A 1 20 ? 1.368   7.373   0.430   1.00 0.00 ? 36 G   A O6     1 
ATOM   635 N N1     . G   A 1 20 ? 0.244   8.211   -1.365  1.00 0.00 ? 36 G   A N1     1 
ATOM   636 C C2     . G   A 1 20 ? -0.904  8.429   -2.097  1.00 0.00 ? 36 G   A C2     1 
ATOM   637 N N2     . G   A 1 20 ? -0.754  9.120   -3.237  1.00 0.00 ? 36 G   A N2     1 
ATOM   638 N N3     . G   A 1 20 ? -2.111  8.002   -1.737  1.00 0.00 ? 36 G   A N3     1 
ATOM   639 C C4     . G   A 1 20 ? -2.083  7.325   -0.565  1.00 0.00 ? 36 G   A C4     1 
ATOM   640 H "H5'"  . G   A 1 20 ? -5.308  2.686   0.306   1.00 0.00 ? 36 G   A "H5'"  1 
ATOM   641 H "H5''" . G   A 1 20 ? -4.628  3.826   1.484   1.00 0.00 ? 36 G   A "H5''" 1 
ATOM   642 H "H4'"  . G   A 1 20 ? -6.764  4.715   -0.409  1.00 0.00 ? 36 G   A "H4'"  1 
ATOM   643 H "H3'"  . G   A 1 20 ? -3.921  4.203   -1.209  1.00 0.00 ? 36 G   A "H3'"  1 
ATOM   644 H "H2'"  . G   A 1 20 ? -3.886  6.297   -2.399  1.00 0.00 ? 36 G   A "H2'"  1 
ATOM   645 H "HO2'" . G   A 1 20 ? -5.716  7.037   -3.181  1.00 0.00 ? 36 G   A "HO2'" 1 
ATOM   646 H "H1'"  . G   A 1 20 ? -4.927  7.789   -0.328  1.00 0.00 ? 36 G   A "H1'"  1 
ATOM   647 H H8     . G   A 1 20 ? -3.289  5.656   1.931   1.00 0.00 ? 36 G   A H8     1 
ATOM   648 H H1     . G   A 1 20 ? 1.111   8.578   -1.729  1.00 0.00 ? 36 G   A H1     1 
ATOM   649 H H21    . G   A 1 20 ? 0.162   9.446   -3.512  1.00 0.00 ? 36 G   A H21    1 
ATOM   650 H H22    . G   A 1 20 ? -1.556  9.314   -3.819  1.00 0.00 ? 36 G   A H22    1 
ATOM   651 P P      . C   A 1 21 ? -4.727  2.801   -3.216  1.00 0.00 ? 37 C   A P      1 
ATOM   652 O OP1    . C   A 1 21 ? -5.719  2.010   -3.988  1.00 0.00 ? 37 C   A OP1    1 
ATOM   653 O OP2    . C   A 1 21 ? -3.798  2.106   -2.288  1.00 0.00 ? 37 C   A OP2    1 
ATOM   654 O "O5'"  . C   A 1 21 ? -3.859  3.652   -4.248  1.00 0.00 ? 37 C   A "O5'"  1 
ATOM   655 C "C5'"  . C   A 1 21 ? -4.484  4.485   -5.223  1.00 0.00 ? 37 C   A "C5'"  1 
ATOM   656 C "C4'"  . C   A 1 21 ? -3.464  5.405   -5.856  1.00 0.00 ? 37 C   A "C4'"  1 
ATOM   657 O "O4'"  . C   A 1 21 ? -2.872  6.244   -4.829  1.00 0.00 ? 37 C   A "O4'"  1 
ATOM   658 C "C3'"  . C   A 1 21 ? -2.275  4.719   -6.506  1.00 0.00 ? 37 C   A "C3'"  1 
ATOM   659 O "O3'"  . C   A 1 21 ? -2.579  4.294   -7.831  1.00 0.00 ? 37 C   A "O3'"  1 
ATOM   660 C "C2'"  . C   A 1 21 ? -1.221  5.818   -6.488  1.00 0.00 ? 37 C   A "C2'"  1 
ATOM   661 O "O2'"  . C   A 1 21 ? -1.424  6.769   -7.517  1.00 0.00 ? 37 C   A "O2'"  1 
ATOM   662 C "C1'"  . C   A 1 21 ? -1.502  6.470   -5.132  1.00 0.00 ? 37 C   A "C1'"  1 
ATOM   663 N N1     . C   A 1 21 ? -0.665  5.932   -4.036  1.00 0.00 ? 37 C   A N1     1 
ATOM   664 C C2     . C   A 1 21 ? 0.713   6.207   -4.043  1.00 0.00 ? 37 C   A C2     1 
ATOM   665 O O2     . C   A 1 21 ? 1.187   6.892   -4.962  1.00 0.00 ? 37 C   A O2     1 
ATOM   666 N N3     . C   A 1 21 ? 1.488   5.715   -3.046  1.00 0.00 ? 37 C   A N3     1 
ATOM   667 C C4     . C   A 1 21 ? 0.944   4.979   -2.071  1.00 0.00 ? 37 C   A C4     1 
ATOM   668 N N4     . C   A 1 21 ? 1.749   4.518   -1.112  1.00 0.00 ? 37 C   A N4     1 
ATOM   669 C C5     . C   A 1 21 ? -0.454  4.684   -2.036  1.00 0.00 ? 37 C   A C5     1 
ATOM   670 C C6     . C   A 1 21 ? -1.213  5.175   -3.027  1.00 0.00 ? 37 C   A C6     1 
ATOM   671 H "H5'"  . C   A 1 21 ? -5.263  5.084   -4.751  1.00 0.00 ? 37 C   A "H5'"  1 
ATOM   672 H "H5''" . C   A 1 21 ? -4.934  3.869   -6.001  1.00 0.00 ? 37 C   A "H5''" 1 
ATOM   673 H "H4'"  . C   A 1 21 ? -3.972  5.970   -6.639  1.00 0.00 ? 37 C   A "H4'"  1 
ATOM   674 H "H3'"  . C   A 1 21 ? -1.969  3.829   -5.959  1.00 0.00 ? 37 C   A "H3'"  1 
ATOM   675 H "H2'"  . C   A 1 21 ? -0.220  5.381   -6.516  1.00 0.00 ? 37 C   A "H2'"  1 
ATOM   676 H "HO2'" . C   A 1 21 ? -0.757  6.612   -8.185  1.00 0.00 ? 37 C   A "HO2'" 1 
ATOM   677 H "H1'"  . C   A 1 21 ? -1.360  7.552   -5.161  1.00 0.00 ? 37 C   A "H1'"  1 
ATOM   678 H H41    . C   A 1 21 ? 2.737   4.727   -1.138  1.00 0.00 ? 37 C   A H41    1 
ATOM   679 H H42    . C   A 1 21 ? 1.370   3.960   -0.360  1.00 0.00 ? 37 C   A H42    1 
ATOM   680 H H5     . C   A 1 21 ? -0.886  4.085   -1.234  1.00 0.00 ? 37 C   A H5     1 
ATOM   681 H H6     . C   A 1 21 ? -2.282  4.967   -3.029  1.00 0.00 ? 37 C   A H6     1 
ATOM   682 P P      . U   A 1 22 ? -1.701  3.139   -8.528  1.00 0.00 ? 38 U   A P      1 
ATOM   683 O OP1    . U   A 1 22 ? -2.226  2.918   -9.899  1.00 0.00 ? 38 U   A OP1    1 
ATOM   684 O OP2    . U   A 1 22 ? -1.629  1.999   -7.579  1.00 0.00 ? 38 U   A OP2    1 
ATOM   685 O "O5'"  . U   A 1 22 ? -0.243  3.777   -8.644  1.00 0.00 ? 38 U   A "O5'"  1 
ATOM   686 C "C5'"  . U   A 1 22 ? 0.072   4.703   -9.681  1.00 0.00 ? 38 U   A "C5'"  1 
ATOM   687 C "C4'"  . U   A 1 22 ? 1.479   5.232   -9.507  1.00 0.00 ? 38 U   A "C4'"  1 
ATOM   688 O "O4'"  . U   A 1 22 ? 1.675   5.650   -8.134  1.00 0.00 ? 38 U   A "O4'"  1 
ATOM   689 C "C3'"  . U   A 1 22 ? 2.594   4.230   -9.740  1.00 0.00 ? 38 U   A "C3'"  1 
ATOM   690 O "O3'"  . U   A 1 22 ? 2.867   4.071   -11.131 1.00 0.00 ? 38 U   A "O3'"  1 
ATOM   691 C "C2'"  . U   A 1 22 ? 3.761   4.869   -8.993  1.00 0.00 ? 38 U   A "C2'"  1 
ATOM   692 O "O2'"  . U   A 1 22 ? 4.386   5.886   -9.753  1.00 0.00 ? 38 U   A "O2'"  1 
ATOM   693 C "C1'"  . U   A 1 22 ? 3.047   5.504   -7.792  1.00 0.00 ? 38 U   A "C1'"  1 
ATOM   694 N N1     . U   A 1 22 ? 3.155   4.703   -6.556  1.00 0.00 ? 38 U   A N1     1 
ATOM   695 C C2     . U   A 1 22 ? 4.325   4.821   -5.813  1.00 0.00 ? 38 U   A C2     1 
ATOM   696 O O2     . U   A 1 22 ? 5.250   5.545   -6.140  1.00 0.00 ? 38 U   A O2     1 
ATOM   697 N N3     . U   A 1 22 ? 4.368   4.055   -4.672  1.00 0.00 ? 38 U   A N3     1 
ATOM   698 C C4     . U   A 1 22 ? 3.387   3.200   -4.207  1.00 0.00 ? 38 U   A C4     1 
ATOM   699 O O4     . U   A 1 22 ? 3.571   2.579   -3.160  1.00 0.00 ? 38 U   A O4     1 
ATOM   700 C C5     . U   A 1 22 ? 2.215   3.131   -5.029  1.00 0.00 ? 38 U   A C5     1 
ATOM   701 C C6     . U   A 1 22 ? 2.136   3.864   -6.148  1.00 0.00 ? 38 U   A C6     1 
ATOM   702 H "H5'"  . U   A 1 22 ? -0.630  5.537   -9.656  1.00 0.00 ? 38 U   A "H5'"  1 
ATOM   703 H "H5''" . U   A 1 22 ? -0.001  4.210   -10.649 1.00 0.00 ? 38 U   A "H5''" 1 
ATOM   704 H "H4'"  . U   A 1 22 ? 1.620   6.036   -10.230 1.00 0.00 ? 38 U   A "H4'"  1 
ATOM   705 H "H3'"  . U   A 1 22 ? 2.338   3.241   -9.362  1.00 0.00 ? 38 U   A "H3'"  1 
ATOM   706 H "H2'"  . U   A 1 22 ? 4.464   4.101   -8.670  1.00 0.00 ? 38 U   A "H2'"  1 
ATOM   707 H "HO2'" . U   A 1 22 ? 5.083   5.473   -10.264 1.00 0.00 ? 38 U   A "HO2'" 1 
ATOM   708 H "H1'"  . U   A 1 22 ? 3.424   6.506   -7.576  1.00 0.00 ? 38 U   A "H1'"  1 
ATOM   709 H H3     . U   A 1 22 ? 5.208   4.125   -4.114  1.00 0.00 ? 38 U   A H3     1 
ATOM   710 H H5     . U   A 1 22 ? 1.388   2.482   -4.744  1.00 0.00 ? 38 U   A H5     1 
ATOM   711 H H6     . U   A 1 22 ? 1.236   3.792   -6.758  1.00 0.00 ? 38 U   A H6     1 
ATOM   712 P P      . C   A 1 23 ? 3.987   3.023   -11.618 1.00 0.00 ? 39 C   A P      1 
ATOM   713 O OP1    . C   A 1 23 ? 3.874   2.876   -13.091 1.00 0.00 ? 39 C   A OP1    1 
ATOM   714 O OP2    . C   A 1 23 ? 3.883   1.821   -10.750 1.00 0.00 ? 39 C   A OP2    1 
ATOM   715 O "O5'"  . C   A 1 23 ? 5.365   3.758   -11.294 1.00 0.00 ? 39 C   A "O5'"  1 
ATOM   716 C "C5'"  . C   A 1 23 ? 6.546   3.023   -10.983 1.00 0.00 ? 39 C   A "C5'"  1 
ATOM   717 C "C4'"  . C   A 1 23 ? 7.508   3.896   -10.210 1.00 0.00 ? 39 C   A "C4'"  1 
ATOM   718 O "O4'"  . C   A 1 23 ? 6.852   4.372   -9.002  1.00 0.00 ? 39 C   A "O4'"  1 
ATOM   719 C "C3'"  . C   A 1 23 ? 8.768   3.202   -9.714  1.00 0.00 ? 39 C   A "C3'"  1 
ATOM   720 O "O3'"  . C   A 1 23 ? 9.798   3.221   -10.699 1.00 0.00 ? 39 C   A "O3'"  1 
ATOM   721 C "C2'"  . C   A 1 23 ? 9.136   4.027   -8.490  1.00 0.00 ? 39 C   A "C2'"  1 
ATOM   722 O "O2'"  . C   A 1 23 ? 9.738   5.262   -8.835  1.00 0.00 ? 39 C   A "O2'"  1 
ATOM   723 C "C1'"  . C   A 1 23 ? 7.750   4.284   -7.905  1.00 0.00 ? 39 C   A "C1'"  1 
ATOM   724 N N1     . C   A 1 23 ? 7.288   3.222   -6.982  1.00 0.00 ? 39 C   A N1     1 
ATOM   725 C C2     . C   A 1 23 ? 7.961   3.048   -5.762  1.00 0.00 ? 39 C   A C2     1 
ATOM   726 O O2     . C   A 1 23 ? 8.927   3.780   -5.496  1.00 0.00 ? 39 C   A O2     1 
ATOM   727 N N3     . C   A 1 23 ? 7.542   2.085   -4.905  1.00 0.00 ? 39 C   A N3     1 
ATOM   728 C C4     . C   A 1 23 ? 6.500   1.310   -5.225  1.00 0.00 ? 39 C   A C4     1 
ATOM   729 N N4     . C   A 1 23 ? 6.123   0.378   -4.349  1.00 0.00 ? 39 C   A N4     1 
ATOM   730 C C5     . C   A 1 23 ? 5.797   1.457   -6.459  1.00 0.00 ? 39 C   A C5     1 
ATOM   731 C C6     . C   A 1 23 ? 6.219   2.415   -7.300  1.00 0.00 ? 39 C   A C6     1 
ATOM   732 H "H5'"  . C   A 1 23 ? 7.025   2.686   -11.903 1.00 0.00 ? 39 C   A "H5'"  1 
ATOM   733 H "H5''" . C   A 1 23 ? 6.293   2.153   -10.377 1.00 0.00 ? 39 C   A "H5''" 1 
ATOM   734 H "H4'"  . C   A 1 23 ? 7.830   4.698   -10.876 1.00 0.00 ? 39 C   A "H4'"  1 
ATOM   735 H "H3'"  . C   A 1 23 ? 8.587   2.154   -9.477  1.00 0.00 ? 39 C   A "H3'"  1 
ATOM   736 H "H2'"  . C   A 1 23 ? 9.749   3.439   -7.806  1.00 0.00 ? 39 C   A "H2'"  1 
ATOM   737 H "HO2'" . C   A 1 23 ? 10.677  5.178   -8.666  1.00 0.00 ? 39 C   A "HO2'" 1 
ATOM   738 H "H1'"  . C   A 1 23 ? 7.699   5.236   -7.375  1.00 0.00 ? 39 C   A "H1'"  1 
ATOM   739 H H41    . C   A 1 23 ? 6.622   0.269   -3.478  1.00 0.00 ? 39 C   A H41    1 
ATOM   740 H H42    . C   A 1 23 ? 5.339   -0.224  -4.559  1.00 0.00 ? 39 C   A H42    1 
ATOM   741 H H5     . C   A 1 23 ? 4.953   0.815   -6.709  1.00 0.00 ? 39 C   A H5     1 
ATOM   742 H H6     . C   A 1 23 ? 5.706   2.550   -8.250  1.00 0.00 ? 39 C   A H6     1 
ATOM   743 P P      . U   A 1 24 ? 10.300  1.844   -11.365 1.00 0.00 ? 40 U   A P      1 
ATOM   744 O OP1    . U   A 1 24 ? 11.300  2.195   -12.405 1.00 0.00 ? 40 U   A OP1    1 
ATOM   745 O OP2    . U   A 1 24 ? 9.106   1.042   -11.737 1.00 0.00 ? 40 U   A OP2    1 
ATOM   746 O "O5'"  . U   A 1 24 ? 11.056  1.091   -10.178 1.00 0.00 ? 40 U   A "O5'"  1 
ATOM   747 C "C5'"  . U   A 1 24 ? 12.415  1.388   -9.855  1.00 0.00 ? 40 U   A "C5'"  1 
ATOM   748 C "C4'"  . U   A 1 24 ? 12.572  1.599   -8.364  1.00 0.00 ? 40 U   A "C4'"  1 
ATOM   749 O "O4'"  . U   A 1 24 ? 11.275  1.872   -7.775  1.00 0.00 ? 40 U   A "O4'"  1 
ATOM   750 C "C3'"  . U   A 1 24 ? 13.086  0.405   -7.581  1.00 0.00 ? 40 U   A "C3'"  1 
ATOM   751 O "O3'"  . U   A 1 24 ? 14.508  0.322   -7.636  1.00 0.00 ? 40 U   A "O3'"  1 
ATOM   752 C "C2'"  . U   A 1 24 ? 12.588  0.704   -6.172  1.00 0.00 ? 40 U   A "C2'"  1 
ATOM   753 O "O2'"  . U   A 1 24 ? 13.406  1.651   -5.508  1.00 0.00 ? 40 U   A "O2'"  1 
ATOM   754 C "C1'"  . U   A 1 24 ? 11.220  1.333   -6.464  1.00 0.00 ? 40 U   A "C1'"  1 
ATOM   755 N N1     . U   A 1 24 ? 10.089  0.379   -6.377  1.00 0.00 ? 40 U   A N1     1 
ATOM   756 C C2     . U   A 1 24 ? 9.872   -0.258  -5.160  1.00 0.00 ? 40 U   A C2     1 
ATOM   757 O O2     . U   A 1 24 ? 10.569  -0.073  -4.178  1.00 0.00 ? 40 U   A O2     1 
ATOM   758 N N3     . U   A 1 24 ? 8.805   -1.126  -5.138  1.00 0.00 ? 40 U   A N3     1 
ATOM   759 C C4     . U   A 1 24 ? 7.952   -1.422  -6.182  1.00 0.00 ? 40 U   A C4     1 
ATOM   760 O O4     . U   A 1 24 ? 7.030   -2.219  -6.002  1.00 0.00 ? 40 U   A O4     1 
ATOM   761 C C5     . U   A 1 24 ? 8.241   -0.732  -7.403  1.00 0.00 ? 40 U   A C5     1 
ATOM   762 C C6     . U   A 1 24 ? 9.271   0.126   -7.464  1.00 0.00 ? 40 U   A C6     1 
ATOM   763 H "H5'"  . U   A 1 24 ? 12.731  2.291   -10.380 1.00 0.00 ? 40 U   A "H5'"  1 
ATOM   764 H "H5''" . U   A 1 24 ? 13.054  0.560   -10.163 1.00 0.00 ? 40 U   A "H5''" 1 
ATOM   765 H "H4'"  . U   A 1 24 ? 13.292  2.407   -8.221  1.00 0.00 ? 40 U   A "H4'"  1 
ATOM   766 H "H3'"  . U   A 1 24 ? 12.705  -0.536  -7.975  1.00 0.00 ? 40 U   A "H3'"  1 
ATOM   767 H "H2'"  . U   A 1 24 ? 12.484  -0.221  -5.606  1.00 0.00 ? 40 U   A "H2'"  1 
ATOM   768 H "HO2'" . U   A 1 24 ? 13.141  1.660   -4.589  1.00 0.00 ? 40 U   A "HO2'" 1 
ATOM   769 H "H1'"  . U   A 1 24 ? 11.006  2.165   -5.793  1.00 0.00 ? 40 U   A "H1'"  1 
ATOM   770 H H3     . U   A 1 24 ? 8.619   -1.590  -4.262  1.00 0.00 ? 40 U   A H3     1 
ATOM   771 H H5     . U   A 1 24 ? 7.628   -0.909  -8.287  1.00 0.00 ? 40 U   A H5     1 
ATOM   772 H H6     . U   A 1 24 ? 9.464   0.645   -8.402  1.00 0.00 ? 40 U   A H6     1 
ATOM   773 P P      . C   A 1 25 ? 15.238  -1.112  -7.598  1.00 0.00 ? 41 C   A P      1 
ATOM   774 O OP1    . C   A 1 25 ? 16.705  -0.890  -7.681  1.00 0.00 ? 41 C   A OP1    1 
ATOM   775 O OP2    . C   A 1 25 ? 14.572  -1.980  -8.602  1.00 0.00 ? 41 C   A OP2    1 
ATOM   776 O "O5'"  . C   A 1 25 ? 14.898  -1.683  -6.150  1.00 0.00 ? 41 C   A "O5'"  1 
ATOM   777 C "C5'"  . C   A 1 25 ? 15.654  -1.288  -5.007  1.00 0.00 ? 41 C   A "C5'"  1 
ATOM   778 C "C4'"  . C   A 1 25 ? 14.966  -1.744  -3.741  1.00 0.00 ? 41 C   A "C4'"  1 
ATOM   779 O "O4'"  . C   A 1 25 ? 13.548  -1.478  -3.848  1.00 0.00 ? 41 C   A "O4'"  1 
ATOM   780 C "C3'"  . C   A 1 25 ? 15.045  -3.232  -3.449  1.00 0.00 ? 41 C   A "C3'"  1 
ATOM   781 O "O3'"  . C   A 1 25 ? 16.264  -3.565  -2.789  1.00 0.00 ? 41 C   A "O3'"  1 
ATOM   782 C "C2'"  . C   A 1 25 ? 13.833  -3.461  -2.552  1.00 0.00 ? 41 C   A "C2'"  1 
ATOM   783 O "O2'"  . C   A 1 25 ? 14.098  -3.123  -1.203  1.00 0.00 ? 41 C   A "O2'"  1 
ATOM   784 C "C1'"  . C   A 1 25 ? 12.822  -2.464  -3.133  1.00 0.00 ? 41 C   A "C1'"  1 
ATOM   785 N N1     . C   A 1 25 ? 11.826  -3.085  -4.034  1.00 0.00 ? 41 C   A N1     1 
ATOM   786 C C2     . C   A 1 25 ? 10.895  -3.979  -3.487  1.00 0.00 ? 41 C   A C2     1 
ATOM   787 O O2     . C   A 1 25 ? 10.953  -4.240  -2.276  1.00 0.00 ? 41 C   A O2     1 
ATOM   788 N N3     . C   A 1 25 ? 9.957   -4.535  -4.292  1.00 0.00 ? 41 C   A N3     1 
ATOM   789 C C4     . C   A 1 25 ? 9.929   -4.237  -5.595  1.00 0.00 ? 41 C   A C4     1 
ATOM   790 N N4     . C   A 1 25 ? 8.977   -4.799  -6.346  1.00 0.00 ? 41 C   A N4     1 
ATOM   791 C C5     . C   A 1 25 ? 10.874  -3.344  -6.187  1.00 0.00 ? 41 C   A C5     1 
ATOM   792 C C6     . C   A 1 25 ? 11.797  -2.799  -5.379  1.00 0.00 ? 41 C   A C6     1 
ATOM   793 H "H5'"  . C   A 1 25 ? 15.755  -0.202  -4.988  1.00 0.00 ? 41 C   A "H5'"  1 
ATOM   794 H "H5''" . C   A 1 25 ? 16.647  -1.735  -5.049  1.00 0.00 ? 41 C   A "H5''" 1 
ATOM   795 H "H4'"  . C   A 1 25 ? 15.443  -1.233  -2.903  1.00 0.00 ? 41 C   A "H4'"  1 
ATOM   796 H "H3'"  . C   A 1 25 ? 15.018  -3.829  -4.360  1.00 0.00 ? 41 C   A "H3'"  1 
ATOM   797 H "H2'"  . C   A 1 25 ? 13.476  -4.487  -2.657  1.00 0.00 ? 41 C   A "H2'"  1 
ATOM   798 H "HO2'" . C   A 1 25 ? 14.493  -3.889  -0.789  1.00 0.00 ? 41 C   A "HO2'" 1 
ATOM   799 H "H1'"  . C   A 1 25 ? 12.275  -1.939  -2.347  1.00 0.00 ? 41 C   A "H1'"  1 
ATOM   800 H H41    . C   A 1 25 ? 8.306   -5.426  -5.924  1.00 0.00 ? 41 C   A H41    1 
ATOM   801 H H42    . C   A 1 25 ? 8.925   -4.592  -7.333  1.00 0.00 ? 41 C   A H42    1 
ATOM   802 H H5     . C   A 1 25 ? 10.847  -3.114  -7.252  1.00 0.00 ? 41 C   A H5     1 
ATOM   803 H H6     . C   A 1 25 ? 12.539  -2.126  -5.802  1.00 0.00 ? 41 C   A H6     1 
ATOM   804 P P      . U   A 1 26 ? 16.734  -5.100  -2.678  1.00 0.00 ? 42 U   A P      1 
ATOM   805 O OP1    . U   A 1 26 ? 18.013  -5.141  -1.924  1.00 0.00 ? 42 U   A OP1    1 
ATOM   806 O OP2    . U   A 1 26 ? 16.670  -5.686  -4.041  1.00 0.00 ? 42 U   A OP2    1 
ATOM   807 O "O5'"  . U   A 1 26 ? 15.604  -5.793  -1.790  1.00 0.00 ? 42 U   A "O5'"  1 
ATOM   808 C "C5'"  . U   A 1 26 ? 15.796  -6.035  -0.399  1.00 0.00 ? 42 U   A "C5'"  1 
ATOM   809 C "C4'"  . U   A 1 26 ? 14.637  -6.832  0.163   1.00 0.00 ? 42 U   A "C4'"  1 
ATOM   810 O "O4'"  . U   A 1 26 ? 13.407  -6.413  -0.481  1.00 0.00 ? 42 U   A "O4'"  1 
ATOM   811 C "C3'"  . U   A 1 26 ? 14.691  -8.329  -0.086  1.00 0.00 ? 42 U   A "C3'"  1 
ATOM   812 O "O3'"  . U   A 1 26 ? 15.499  -8.990  0.884   1.00 0.00 ? 42 U   A "O3'"  1 
ATOM   813 C "C2'"  . U   A 1 26 ? 13.227  -8.735  0.027   1.00 0.00 ? 42 U   A "C2'"  1 
ATOM   814 O "O2'"  . U   A 1 26 ? 12.817  -8.881  1.374   1.00 0.00 ? 42 U   A "O2'"  1 
ATOM   815 C "C1'"  . U   A 1 26 ? 12.526  -7.522  -0.593  1.00 0.00 ? 42 U   A "C1'"  1 
ATOM   816 N N1     . U   A 1 26 ? 12.169  -7.722  -2.014  1.00 0.00 ? 42 U   A N1     1 
ATOM   817 C C2     . U   A 1 26 ? 11.098  -8.562  -2.293  1.00 0.00 ? 42 U   A C2     1 
ATOM   818 O O2     . U   A 1 26 ? 10.454  -9.129  -1.425  1.00 0.00 ? 42 U   A O2     1 
ATOM   819 N N3     . U   A 1 26 ? 10.810  -8.712  -3.630  1.00 0.00 ? 42 U   A N3     1 
ATOM   820 C C4     . U   A 1 26 ? 11.465  -8.124  -4.693  1.00 0.00 ? 42 U   A C4     1 
ATOM   821 O O4     . U   A 1 26 ? 11.086  -8.359  -5.841  1.00 0.00 ? 42 U   A O4     1 
ATOM   822 C C5     . U   A 1 26 ? 12.557  -7.273  -4.324  1.00 0.00 ? 42 U   A C5     1 
ATOM   823 C C6     . U   A 1 26 ? 12.869  -7.102  -3.032  1.00 0.00 ? 42 U   A C6     1 
ATOM   824 H "H5'"  . U   A 1 26 ? 15.868  -5.085  0.133   1.00 0.00 ? 42 U   A "H5'"  1 
ATOM   825 H "H5''" . U   A 1 26 ? 16.717  -6.597  -0.245  1.00 0.00 ? 42 U   A "H5''" 1 
ATOM   826 H "H4'"  . U   A 1 26 ? 14.633  -6.691  1.243   1.00 0.00 ? 42 U   A "H4'"  1 
ATOM   827 H "H3'"  . U   A 1 26 ? 15.124  -8.565  -1.057  1.00 0.00 ? 42 U   A "H3'"  1 
ATOM   828 H "H2'"  . U   A 1 26 ? 13.043  -9.637  -0.560  1.00 0.00 ? 42 U   A "H2'"  1 
ATOM   829 H "HO2'" . U   A 1 26 ? 13.107  -8.101  1.846   1.00 0.00 ? 42 U   A "HO2'" 1 
ATOM   830 H "H1'"  . U   A 1 26 ? 11.616  -7.258  -0.053  1.00 0.00 ? 42 U   A "H1'"  1 
ATOM   831 H H3     . U   A 1 26 ? 10.036  -9.319  -3.857  1.00 0.00 ? 42 U   A H3     1 
ATOM   832 H H5     . U   A 1 26 ? 13.135  -6.763  -5.095  1.00 0.00 ? 42 U   A H5     1 
ATOM   833 H H6     . U   A 1 26 ? 13.705  -6.455  -2.778  1.00 0.00 ? 42 U   A H6     1 
ATOM   834 P P      . G   A 1 27 ? 15.965  -10.511 0.640   1.00 0.00 ? 43 G   A P      1 
ATOM   835 O OP1    . G   A 1 27 ? 16.666  -10.984 1.862   1.00 0.00 ? 43 G   A OP1    1 
ATOM   836 O OP2    . G   A 1 27 ? 16.666  -10.557 -0.668  1.00 0.00 ? 43 G   A OP2    1 
ATOM   837 O "O5'"  . G   A 1 27 ? 14.598  -11.323 0.498   1.00 0.00 ? 43 G   A "O5'"  1 
ATOM   838 C "C5'"  . G   A 1 27 ? 13.938  -11.857 1.644   1.00 0.00 ? 43 G   A "C5'"  1 
ATOM   839 C "C4'"  . G   A 1 27 ? 12.647  -12.537 1.245   1.00 0.00 ? 43 G   A "C4'"  1 
ATOM   840 O "O4'"  . G   A 1 27 ? 11.941  -11.718 0.284   1.00 0.00 ? 43 G   A "O4'"  1 
ATOM   841 C "C3'"  . G   A 1 27 ? 12.799  -13.873 0.543   1.00 0.00 ? 43 G   A "C3'"  1 
ATOM   842 O "O3'"  . G   A 1 27 ? 13.003  -14.924 1.484   1.00 0.00 ? 43 G   A "O3'"  1 
ATOM   843 C "C2'"  . G   A 1 27 ? 11.465  -14.011 -0.193  1.00 0.00 ? 43 G   A "C2'"  1 
ATOM   844 O "O2'"  . G   A 1 27 ? 10.441  -14.502 0.652   1.00 0.00 ? 43 G   A "O2'"  1 
ATOM   845 C "C1'"  . G   A 1 27 ? 11.161  -12.550 -0.560  1.00 0.00 ? 43 G   A "C1'"  1 
ATOM   846 N N9     . G   A 1 27 ? 11.462  -12.220 -1.954  1.00 0.00 ? 43 G   A N9     1 
ATOM   847 C C8     . G   A 1 27 ? 12.545  -11.519 -2.429  1.00 0.00 ? 43 G   A C8     1 
ATOM   848 N N7     . G   A 1 27 ? 12.538  -11.372 -3.725  1.00 0.00 ? 43 G   A N7     1 
ATOM   849 C C5     . G   A 1 27 ? 11.381  -12.021 -4.135  1.00 0.00 ? 43 G   A C5     1 
ATOM   850 C C6     . G   A 1 27 ? 10.836  -12.200 -5.438  1.00 0.00 ? 43 G   A C6     1 
ATOM   851 O O6     . G   A 1 27 ? 11.287  -11.802 -6.518  1.00 0.00 ? 43 G   A O6     1 
ATOM   852 N N1     . G   A 1 27 ? 9.641   -12.926 -5.413  1.00 0.00 ? 43 G   A N1     1 
ATOM   853 C C2     . G   A 1 27 ? 9.054   -13.415 -4.264  1.00 0.00 ? 43 G   A C2     1 
ATOM   854 N N2     . G   A 1 27 ? 7.909   -14.094 -4.430  1.00 0.00 ? 43 G   A N2     1 
ATOM   855 N N3     . G   A 1 27 ? 9.552   -13.253 -3.045  1.00 0.00 ? 43 G   A N3     1 
ATOM   856 C C4     . G   A 1 27 ? 10.708  -12.553 -3.054  1.00 0.00 ? 43 G   A C4     1 
ATOM   857 H "H5'"  . G   A 1 27 ? 13.716  -11.054 2.346   1.00 0.00 ? 43 G   A "H5'"  1 
ATOM   858 H "H5''" . G   A 1 27 ? 14.582  -12.585 2.134   1.00 0.00 ? 43 G   A "H5''" 1 
ATOM   859 H "H4'"  . G   A 1 27 ? 12.079  -12.723 2.157   1.00 0.00 ? 43 G   A "H4'"  1 
ATOM   860 H "H3'"  . G   A 1 27 ? 13.657  -13.886 -0.126  1.00 0.00 ? 43 G   A "H3'"  1 
ATOM   861 H "H2'"  . G   A 1 27 ? 11.591  -14.625 -1.091  1.00 0.00 ? 43 G   A "H2'"  1 
ATOM   862 H "HO2'" . G   A 1 27 ? 10.193  -15.367 0.326   1.00 0.00 ? 43 G   A "HO2'" 1 
ATOM   863 H "H1'"  . G   A 1 27 ? 10.117  -12.294 -0.376  1.00 0.00 ? 43 G   A "H1'"  1 
ATOM   864 H H8     . G   A 1 27 ? 13.329  -11.133 -1.795  1.00 0.00 ? 43 G   A H8     1 
ATOM   865 H H1     . G   A 1 27 ? 9.178   -13.103 -6.292  1.00 0.00 ? 43 G   A H1     1 
ATOM   866 H H21    . G   A 1 27 ? 7.526   -14.220 -5.356  1.00 0.00 ? 43 G   A H21    1 
ATOM   867 H H22    . G   A 1 27 ? 7.431   -14.480 -3.629  1.00 0.00 ? 43 G   A H22    1 
ATOM   868 P P      . G   A 1 28 ? 13.450  -16.385 0.980   1.00 0.00 ? 44 G   A P      1 
ATOM   869 O OP1    . G   A 1 28 ? 13.549  -17.256 2.178   1.00 0.00 ? 44 G   A OP1    1 
ATOM   870 O OP2    . G   A 1 28 ? 14.624  -16.234 0.083   1.00 0.00 ? 44 G   A OP2    1 
ATOM   871 O "O5'"  . G   A 1 28 ? 12.212  -16.882 0.112   1.00 0.00 ? 44 G   A "O5'"  1 
ATOM   872 C "C5'"  . G   A 1 28 ? 12.348  -17.940 -0.832  1.00 0.00 ? 44 G   A "C5'"  1 
ATOM   873 C "C4'"  . G   A 1 28 ? 11.004  -18.250 -1.447  1.00 0.00 ? 44 G   A "C4'"  1 
ATOM   874 O "O4'"  . G   A 1 28 ? 10.377  -17.005 -1.858  1.00 0.00 ? 44 G   A "O4'"  1 
ATOM   875 C "C3'"  . G   A 1 28 ? 11.040  -19.100 -2.708  1.00 0.00 ? 44 G   A "C3'"  1 
ATOM   876 O "O3'"  . G   A 1 28 ? 11.037  -20.491 -2.395  1.00 0.00 ? 44 G   A "O3'"  1 
ATOM   877 C "C2'"  . G   A 1 28 ? 9.767   -18.672 -3.425  1.00 0.00 ? 44 G   A "C2'"  1 
ATOM   878 O "O2'"  . G   A 1 28 ? 8.609   -19.256 -2.856  1.00 0.00 ? 44 G   A "O2'"  1 
ATOM   879 C "C1'"  . G   A 1 28 ? 9.778   -17.172 -3.131  1.00 0.00 ? 44 G   A "C1'"  1 
ATOM   880 N N9     . G   A 1 28 ? 10.532  -16.393 -4.113  1.00 0.00 ? 44 G   A N9     1 
ATOM   881 C C8     . G   A 1 28 ? 11.690  -15.683 -3.905  1.00 0.00 ? 44 G   A C8     1 
ATOM   882 N N7     . G   A 1 28 ? 12.133  -15.089 -4.979  1.00 0.00 ? 44 G   A N7     1 
ATOM   883 C C5     . G   A 1 28 ? 11.209  -15.426 -5.959  1.00 0.00 ? 44 G   A C5     1 
ATOM   884 C C6     . G   A 1 28 ? 11.155  -15.074 -7.337  1.00 0.00 ? 44 G   A C6     1 
ATOM   885 O O6     . G   A 1 28 ? 11.944  -14.371 -7.979  1.00 0.00 ? 44 G   A O6     1 
ATOM   886 N N1     . G   A 1 28 ? 10.045  -15.631 -7.979  1.00 0.00 ? 44 G   A N1     1 
ATOM   887 C C2     . G   A 1 28 ? 9.106   -16.427 -7.357  1.00 0.00 ? 44 G   A C2     1 
ATOM   888 N N2     . G   A 1 28 ? 8.106   -16.875 -8.130  1.00 0.00 ? 44 G   A N2     1 
ATOM   889 N N3     . G   A 1 28 ? 9.146   -16.761 -6.073  1.00 0.00 ? 44 G   A N3     1 
ATOM   890 C C4     . G   A 1 28 ? 10.215  -16.230 -5.440  1.00 0.00 ? 44 G   A C4     1 
ATOM   891 H "H5'"  . G   A 1 28 ? 12.730  -18.832 -0.334  1.00 0.00 ? 44 G   A "H5'"  1 
ATOM   892 H "H5''" . G   A 1 28 ? 13.041  -17.647 -1.621  1.00 0.00 ? 44 G   A "H5''" 1 
ATOM   893 H "H4'"  . G   A 1 28 ? 10.425  -18.805 -0.708  1.00 0.00 ? 44 G   A "H4'"  1 
ATOM   894 H "H3'"  . G   A 1 28 ? 11.938  -18.917 -3.297  1.00 0.00 ? 44 G   A "H3'"  1 
ATOM   895 H "H2'"  . G   A 1 28 ? 9.851   -18.867 -4.496  1.00 0.00 ? 44 G   A "H2'"  1 
ATOM   896 H "HO2'" . G   A 1 28 ? 8.746   -20.204 -2.844  1.00 0.00 ? 44 G   A "HO2'" 1 
ATOM   897 H "H1'"  . G   A 1 28 ? 8.773   -16.754 -3.066  1.00 0.00 ? 44 G   A "H1'"  1 
ATOM   898 H H8     . G   A 1 28 ? 12.187  -15.624 -2.947  1.00 0.00 ? 44 G   A H8     1 
ATOM   899 H H1     . G   A 1 28 ? 9.921   -15.437 -8.963  1.00 0.00 ? 44 G   A H1     1 
ATOM   900 H H21    . G   A 1 28 ? 8.071   -16.625 -9.107  1.00 0.00 ? 44 G   A H21    1 
ATOM   901 H H22    . G   A 1 28 ? 7.386   -17.464 -7.734  1.00 0.00 ? 44 G   A H22    1 
ATOM   902 P P      . C   A 1 29 ? 11.938  -21.519 -3.247  1.00 0.00 ? 45 C   A P      1 
ATOM   903 O OP1    . C   A 1 29 ? 11.967  -22.818 -2.527  1.00 0.00 ? 45 C   A OP1    1 
ATOM   904 O OP2    . C   A 1 29 ? 13.216  -20.835 -3.573  1.00 0.00 ? 45 C   A OP2    1 
ATOM   905 O "O5'"  . C   A 1 29 ? 11.123  -21.718 -4.602  1.00 0.00 ? 45 C   A "O5'"  1 
ATOM   906 C "C5'"  . C   A 1 29 ? 9.830   -22.316 -4.601  1.00 0.00 ? 45 C   A "C5'"  1 
ATOM   907 C "C4'"  . C   A 1 29 ? 9.153   -22.101 -5.935  1.00 0.00 ? 45 C   A "C4'"  1 
ATOM   908 O "O4'"  . C   A 1 29 ? 9.053   -20.678 -6.196  1.00 0.00 ? 45 C   A "O4'"  1 
ATOM   909 C "C3'"  . C   A 1 29 ? 9.894   -22.650 -7.141  1.00 0.00 ? 45 C   A "C3'"  1 
ATOM   910 O "O3'"  . C   A 1 29 ? 9.612   -24.035 -7.331  1.00 0.00 ? 45 C   A "O3'"  1 
ATOM   911 C "C2'"  . C   A 1 29 ? 9.348   -21.798 -8.280  1.00 0.00 ? 45 C   A "C2'"  1 
ATOM   912 O "O2'"  . C   A 1 29 ? 8.085   -22.254 -8.730  1.00 0.00 ? 45 C   A "O2'"  1 
ATOM   913 C "C1'"  . C   A 1 29 ? 9.179   -20.438 -7.590  1.00 0.00 ? 45 C   A "C1'"  1 
ATOM   914 N N1     . C   A 1 29 ? 10.313  -19.518 -7.821  1.00 0.00 ? 45 C   A N1     1 
ATOM   915 C C2     . C   A 1 29 ? 10.412  -18.872 -9.063  1.00 0.00 ? 45 C   A C2     1 
ATOM   916 O O2     . C   A 1 29 ? 9.549   -19.091 -9.927  1.00 0.00 ? 45 C   A O2     1 
ATOM   917 N N3     . C   A 1 29 ? 11.448  -18.027 -9.290  1.00 0.00 ? 45 C   A N3     1 
ATOM   918 C C4     . C   A 1 29 ? 12.362  -17.814 -8.335  1.00 0.00 ? 45 C   A C4     1 
ATOM   919 N N4     . C   A 1 29 ? 13.362  -16.974 -8.605  1.00 0.00 ? 45 C   A N4     1 
ATOM   920 C C5     . C   A 1 29 ? 12.288  -18.454 -7.061  1.00 0.00 ? 45 C   A C5     1 
ATOM   921 C C6     . C   A 1 29 ? 11.258  -19.290 -6.848  1.00 0.00 ? 45 C   A C6     1 
ATOM   922 H "H5'"  . C   A 1 29 ? 9.219   -21.872 -3.813  1.00 0.00 ? 45 C   A "H5'"  1 
ATOM   923 H "H5''" . C   A 1 29 ? 9.918   -23.386 -4.418  1.00 0.00 ? 45 C   A "H5''" 1 
ATOM   924 H "H4'"  . C   A 1 29 ? 8.187   -22.606 -5.900  1.00 0.00 ? 45 C   A "H4'"  1 
ATOM   925 H "H3'"  . C   A 1 29 ? 10.972  -22.566 -7.030  1.00 0.00 ? 45 C   A "H3'"  1 
ATOM   926 H "H2'"  . C   A 1 29 ? 10.079  -21.739 -9.089  1.00 0.00 ? 45 C   A "H2'"  1 
ATOM   927 H "HO2'" . C   A 1 29 ? 8.205   -23.145 -9.059  1.00 0.00 ? 45 C   A "HO2'" 1 
ATOM   928 H "H1'"  . C   A 1 29 ? 8.268   -19.931 -7.905  1.00 0.00 ? 45 C   A "H1'"  1 
ATOM   929 H H41    . C   A 1 29 ? 13.414  -16.522 -9.507  1.00 0.00 ? 45 C   A H41    1 
ATOM   930 H H42    . C   A 1 29 ? 14.069  -16.790 -7.907  1.00 0.00 ? 45 C   A H42    1 
ATOM   931 H H5     . C   A 1 29 ? 13.035  -18.269 -6.291  1.00 0.00 ? 45 C   A H5     1 
ATOM   932 H H6     . C   A 1 29 ? 11.175  -19.793 -5.888  1.00 0.00 ? 45 C   A H6     1 
ATOM   933 P P      . C   A 1 30 ? 10.800  -25.073 -7.658  1.00 0.00 ? 46 C   A P      1 
ATOM   934 O OP1    . C   A 1 30 ? 10.305  -26.447 -7.387  1.00 0.00 ? 46 C   A OP1    1 
ATOM   935 O OP2    . C   A 1 30 ? 12.025  -24.590 -6.969  1.00 0.00 ? 46 C   A OP2    1 
ATOM   936 O "O5'"  . C   A 1 30 ? 11.023  -24.921 -9.230  1.00 0.00 ? 46 C   A "O5'"  1 
ATOM   937 C "C5'"  . C   A 1 30 ? 10.111  -25.497 -10.162 1.00 0.00 ? 46 C   A "C5'"  1 
ATOM   938 C "C4'"  . C   A 1 30 ? 10.061  -24.673 -11.430 1.00 0.00 ? 46 C   A "C4'"  1 
ATOM   939 O "O4'"  . C   A 1 30 ? 10.023  -23.266 -11.091 1.00 0.00 ? 46 C   A "O4'"  1 
ATOM   940 C "C3'"  . C   A 1 30 ? 11.263  -24.799 -12.346 1.00 0.00 ? 46 C   A "C3'"  1 
ATOM   941 O "O3'"  . C   A 1 30 ? 11.169  -25.955 -13.183 1.00 0.00 ? 46 C   A "O3'"  1 
ATOM   942 C "C2'"  . C   A 1 30 ? 11.195  -23.509 -13.157 1.00 0.00 ? 46 C   A "C2'"  1 
ATOM   943 O "O2'"  . C   A 1 30 ? 10.269  -23.602 -14.224 1.00 0.00 ? 46 C   A "O2'"  1 
ATOM   944 C "C1'"  . C   A 1 30 ? 10.667  -22.517 -12.113 1.00 0.00 ? 46 C   A "C1'"  1 
ATOM   945 N N1     . C   A 1 30 ? 11.726  -21.690 -11.502 1.00 0.00 ? 46 C   A N1     1 
ATOM   946 C C2     . C   A 1 30 ? 12.136  -20.520 -12.158 1.00 0.00 ? 46 C   A C2     1 
ATOM   947 O O2     . C   A 1 30 ? 11.601  -20.214 -13.235 1.00 0.00 ? 46 C   A O2     1 
ATOM   948 N N3     . C   A 1 30 ? 13.108  -19.756 -11.602 1.00 0.00 ? 46 C   A N3     1 
ATOM   949 C C4     . C   A 1 30 ? 13.666  -20.121 -10.441 1.00 0.00 ? 46 C   A C4     1 
ATOM   950 N N4     . C   A 1 30 ? 14.619  -19.336 -9.934  1.00 0.00 ? 46 C   A N4     1 
ATOM   951 C C5     . C   A 1 30 ? 13.268  -21.307 -9.750  1.00 0.00 ? 46 C   A C5     1 
ATOM   952 C C6     . C   A 1 30 ? 12.305  -22.054 -10.313 1.00 0.00 ? 46 C   A C6     1 
ATOM   953 H "H5'"  . C   A 1 30 ? 9.113   -25.539 -9.723  1.00 0.00 ? 46 C   A "H5'"  1 
ATOM   954 H "H5''" . C   A 1 30 ? 10.430  -26.508 -10.412 1.00 0.00 ? 46 C   A "H5''" 1 
ATOM   955 H "H4'"  . C   A 1 30 ? 9.197   -25.003 -12.000 1.00 0.00 ? 46 C   A "H4'"  1 
ATOM   956 H "H3'"  . C   A 1 30 ? 12.193  -24.901 -11.789 1.00 0.00 ? 46 C   A "H3'"  1 
ATOM   957 H "HO3'" . C   A 1 30 ? 11.685  -26.650 -12.768 1.00 0.00 ? 46 C   A "HO3'" 1 
ATOM   958 H "H2'"  . C   A 1 30 ? 12.194  -23.227 -13.499 1.00 0.00 ? 46 C   A "H2'"  1 
ATOM   959 H "HO2'" . C   A 1 30 ? 10.729  -23.345 -15.023 1.00 0.00 ? 46 C   A "HO2'" 1 
ATOM   960 H "H1'"  . C   A 1 30 ? 9.915   -21.844 -12.530 1.00 0.00 ? 46 C   A "H1'"  1 
ATOM   961 H H41    . C   A 1 30 ? 14.898  -18.499 -10.426 1.00 0.00 ? 46 C   A H41    1 
ATOM   962 H H42    . C   A 1 30 ? 15.062  -19.581 -9.060  1.00 0.00 ? 46 C   A H42    1 
ATOM   963 H H5     . C   A 1 30 ? 13.730  -21.594 -8.805  1.00 0.00 ? 46 C   A H5     1 
ATOM   964 H H6     . C   A 1 30 ? 11.979  -22.967 -9.816  1.00 0.00 ? 46 C   A H6     1 
HETATM 965 N N      . ARG B 2 .  ? -1.255  -0.773  -0.237  1.00 0.00 ? 47 ARG A N      1 
HETATM 966 C CA     . ARG B 2 .  ? 0.000   0.000   0.000   1.00 0.00 ? 47 ARG A CA     1 
HETATM 967 C C      . ARG B 2 .  ? -0.105  1.369   -0.684  1.00 0.00 ? 47 ARG A C      1 
HETATM 968 O O      . ARG B 2 .  ? -0.147  2.387   -0.023  1.00 0.00 ? 47 ARG A O      1 
HETATM 969 C CB     . ARG B 2 .  ? 1.197   -0.773  -0.571  1.00 0.00 ? 47 ARG A CB     1 
HETATM 970 C CG     . ARG B 2 .  ? 2.222   -1.031  0.538   1.00 0.00 ? 47 ARG A CG     1 
HETATM 971 C CD     . ARG B 2 .  ? 3.632   -0.999  -0.052  1.00 0.00 ? 47 ARG A CD     1 
HETATM 972 N NE     . ARG B 2 .  ? 4.539   -1.830  0.790   1.00 0.00 ? 47 ARG A NE     1 
HETATM 973 C CZ     . ARG B 2 .  ? 5.748   -1.412  1.067   1.00 0.00 ? 47 ARG A CZ     1 
HETATM 974 N NH1    . ARG B 2 .  ? 6.479   -0.848  0.140   1.00 0.00 ? 47 ARG A NH1    1 
HETATM 975 N NH2    . ARG B 2 .  ? 6.224   -1.553  2.275   1.00 0.00 ? 47 ARG A NH2    1 
HETATM 976 H H1     . ARG B 2 .  ? -1.440  -0.833  -1.260  1.00 0.00 ? 47 ARG A H1     1 
HETATM 977 H H2     . ARG B 2 .  ? -1.151  -1.732  0.153   1.00 0.00 ? 47 ARG A H2     1 
HETATM 978 H H3     . ARG B 2 .  ? -2.051  -0.297  0.233   1.00 0.00 ? 47 ARG A H3     1 
HETATM 979 H HA     . ARG B 2 .  ? 0.137   0.141   1.063   1.00 0.00 ? 47 ARG A HA     1 
HETATM 980 H HB2    . ARG B 2 .  ? 0.856   -1.717  -0.972  1.00 0.00 ? 47 ARG A HB2    1 
HETATM 981 H HB3    . ARG B 2 .  ? 1.658   -0.194  -1.357  1.00 0.00 ? 47 ARG A HB3    1 
HETATM 982 H HG2    . ARG B 2 .  ? 2.133   -0.267  1.298   1.00 0.00 ? 47 ARG A HG2    1 
HETATM 983 H HG3    . ARG B 2 .  ? 2.041   -2.001  0.978   1.00 0.00 ? 47 ARG A HG3    1 
HETATM 984 H HD2    . ARG B 2 .  ? 3.612   -1.393  -1.058  1.00 0.00 ? 47 ARG A HD2    1 
HETATM 985 H HD3    . ARG B 2 .  ? 3.991   0.020   -0.072  1.00 0.00 ? 47 ARG A HD3    1 
HETATM 986 H HE     . ARG B 2 .  ? 4.229   -2.693  1.138   1.00 0.00 ? 47 ARG A HE     1 
HETATM 987 H HH11   . ARG B 2 .  ? 6.116   -0.734  -0.785  1.00 0.00 ? 47 ARG A HH11   1 
HETATM 988 H HH12   . ARG B 2 .  ? 7.399   -0.528  0.356   1.00 0.00 ? 47 ARG A HH12   1 
HETATM 989 H HH21   . ARG B 2 .  ? 5.665   -1.979  2.986   1.00 0.00 ? 47 ARG A HH21   1 
HETATM 990 H HH22   . ARG B 2 .  ? 7.150   -1.241  2.488   1.00 0.00 ? 47 ARG A HH22   1 
# 
